data_1G5Y
#
_entry.id   1G5Y
#
_cell.length_a   51.052
_cell.length_b   99.701
_cell.length_c   96.281
_cell.angle_alpha   90.00
_cell.angle_beta   96.70
_cell.angle_gamma   90.00
#
_symmetry.space_group_name_H-M   'P 1 21 1'
#
loop_
_entity.id
_entity.type
_entity.pdbx_description
1 polymer 'RETINOIC ACID RECEPTOR RXR-ALPHA'
2 non-polymer 'RETINOIC ACID'
3 water water
#
_entity_poly.entity_id   1
_entity_poly.type   'polypeptide(L)'
_entity_poly.pdbx_seq_one_letter_code
;SANEDMPVERILEAELAVEPKTETYVEANMGLNPSSPNDPVTNICQAADKQLFTLVEWAKRIPHFSELPLDDQVILLRAG
WNELLIASFSHRSIAVKDGILLATGLHVHRNSAHSAGVGAIFDRVLTELVSKMRDMQMDKTELGCLRAIVLFNPDSKGLS
NPAEVEALREKVYASLEAYCKHKYPEQPGRFAKLLLRLPALRSIGLKCLEHLFFFKLIGDTPIDTFLMEMLEAPHQMT
;
_entity_poly.pdbx_strand_id   A,B,C,D
#
loop_
_chem_comp.id
_chem_comp.type
_chem_comp.name
_chem_comp.formula
REA non-polymer 'RETINOIC ACID' 'C20 H28 O2'
#
# COMPACT_ATOMS: atom_id res chain seq x y z
N PRO A 7 -11.86 -3.09 -37.47
CA PRO A 7 -13.34 -3.06 -37.26
C PRO A 7 -13.64 -2.98 -35.75
N VAL A 8 -14.29 -1.89 -35.34
CA VAL A 8 -14.68 -1.61 -33.94
C VAL A 8 -16.23 -1.42 -33.70
N GLU A 9 -17.06 -1.56 -34.75
CA GLU A 9 -18.56 -1.50 -34.66
C GLU A 9 -18.95 -2.96 -34.60
N ARG A 10 -17.88 -3.70 -34.61
CA ARG A 10 -17.89 -5.10 -34.51
C ARG A 10 -17.45 -5.03 -33.05
N ILE A 11 -16.76 -3.95 -32.68
CA ILE A 11 -16.35 -3.75 -31.25
C ILE A 11 -17.45 -2.90 -30.61
N LEU A 12 -18.02 -2.02 -31.42
CA LEU A 12 -19.11 -1.15 -31.00
C LEU A 12 -20.32 -2.06 -31.06
N GLU A 13 -20.19 -3.14 -31.84
CA GLU A 13 -21.24 -4.13 -31.95
C GLU A 13 -20.98 -5.13 -30.84
N ALA A 14 -19.75 -5.10 -30.33
CA ALA A 14 -19.35 -5.98 -29.23
C ALA A 14 -19.86 -5.36 -27.94
N GLU A 15 -19.96 -4.03 -27.94
CA GLU A 15 -20.45 -3.29 -26.78
C GLU A 15 -21.97 -3.15 -26.88
N LEU A 16 -22.50 -3.40 -28.08
CA LEU A 16 -23.94 -3.33 -28.31
C LEU A 16 -24.53 -4.72 -28.17
N ALA A 17 -23.68 -5.75 -28.29
CA ALA A 17 -24.14 -7.13 -28.17
C ALA A 17 -24.37 -7.41 -26.69
N VAL A 18 -24.14 -6.40 -25.86
CA VAL A 18 -24.29 -6.50 -24.43
C VAL A 18 -24.81 -5.18 -23.85
N GLU A 19 -24.98 -4.20 -24.74
CA GLU A 19 -25.47 -2.88 -24.38
C GLU A 19 -26.69 -2.97 -23.47
N PRO A 20 -26.44 -3.12 -22.17
CA PRO A 20 -27.50 -3.24 -21.17
C PRO A 20 -28.84 -2.89 -21.79
N LYS A 21 -29.60 -3.92 -22.16
CA LYS A 21 -30.90 -3.75 -22.78
C LYS A 21 -31.80 -2.77 -22.04
N THR A 22 -33.09 -3.05 -22.01
CA THR A 22 -34.03 -2.16 -21.33
C THR A 22 -34.56 -2.78 -20.05
N GLU A 23 -35.24 -3.93 -20.18
CA GLU A 23 -35.81 -4.63 -19.04
C GLU A 23 -34.83 -4.61 -17.87
N THR A 24 -33.60 -5.06 -18.13
CA THR A 24 -32.55 -5.12 -17.12
C THR A 24 -32.47 -3.88 -16.25
N TYR A 25 -32.77 -2.71 -16.85
CA TYR A 25 -32.72 -1.46 -16.12
C TYR A 25 -34.02 -1.16 -15.34
N VAL A 26 -35.16 -1.55 -15.89
CA VAL A 26 -36.43 -1.32 -15.21
C VAL A 26 -36.65 -2.32 -14.09
N GLU A 27 -36.11 -3.52 -14.25
CA GLU A 27 -36.24 -4.57 -13.25
C GLU A 27 -35.45 -4.19 -12.01
N ALA A 28 -34.32 -3.52 -12.20
CA ALA A 28 -33.48 -3.10 -11.09
C ALA A 28 -33.85 -1.69 -10.63
N ASN A 29 -34.10 -0.81 -11.60
CA ASN A 29 -34.49 0.56 -11.25
C ASN A 29 -35.95 0.57 -10.84
N MET A 30 -36.36 -0.48 -10.14
CA MET A 30 -37.73 -0.61 -9.65
C MET A 30 -37.88 -1.81 -8.72
N GLY A 31 -37.43 -2.97 -9.19
CA GLY A 31 -37.52 -4.18 -8.37
C GLY A 31 -38.34 -5.33 -8.92
N LEU A 32 -38.68 -5.28 -10.20
CA LEU A 32 -39.47 -6.35 -10.81
C LEU A 32 -38.53 -7.45 -11.28
N ASN A 33 -37.55 -7.77 -10.45
CA ASN A 33 -36.57 -8.80 -10.77
C ASN A 33 -36.68 -9.93 -9.75
N PRO A 34 -36.58 -11.18 -10.22
CA PRO A 34 -36.65 -12.34 -9.35
C PRO A 34 -35.52 -12.21 -8.33
N SER A 35 -34.68 -13.24 -8.23
CA SER A 35 -33.55 -13.22 -7.33
C SER A 35 -33.87 -12.82 -5.88
N SER A 36 -35.16 -12.60 -5.61
CA SER A 36 -35.62 -12.22 -4.28
C SER A 36 -34.47 -11.57 -3.51
N PRO A 37 -34.43 -10.24 -3.50
CA PRO A 37 -33.39 -9.48 -2.83
C PRO A 37 -33.22 -9.84 -1.35
N ASN A 38 -33.50 -11.10 -1.02
CA ASN A 38 -33.38 -11.61 0.34
C ASN A 38 -31.92 -11.95 0.65
N ASP A 39 -31.25 -12.63 -0.29
CA ASP A 39 -29.85 -13.02 -0.11
C ASP A 39 -28.93 -11.97 -0.72
N PRO A 40 -27.81 -11.72 -0.05
CA PRO A 40 -26.85 -10.74 -0.54
C PRO A 40 -25.73 -11.42 -1.31
N VAL A 41 -24.96 -12.25 -0.61
CA VAL A 41 -23.85 -12.98 -1.21
C VAL A 41 -24.23 -13.44 -2.61
N THR A 42 -25.38 -14.10 -2.72
CA THR A 42 -25.86 -14.61 -4.00
C THR A 42 -26.08 -13.51 -5.03
N ASN A 43 -26.66 -12.39 -4.60
CA ASN A 43 -26.94 -11.27 -5.49
C ASN A 43 -25.68 -10.72 -6.16
N ILE A 44 -24.83 -10.06 -5.37
CA ILE A 44 -23.61 -9.46 -5.87
C ILE A 44 -22.76 -10.43 -6.69
N CYS A 45 -22.93 -11.73 -6.44
CA CYS A 45 -22.17 -12.76 -7.14
C CYS A 45 -22.68 -13.16 -8.53
N GLN A 46 -24.00 -13.24 -8.71
CA GLN A 46 -24.56 -13.58 -10.01
C GLN A 46 -23.98 -12.59 -11.02
N ALA A 47 -23.81 -11.35 -10.56
CA ALA A 47 -23.22 -10.31 -11.38
C ALA A 47 -21.71 -10.53 -11.24
N ALA A 48 -20.91 -9.63 -11.80
CA ALA A 48 -19.45 -9.78 -11.74
C ALA A 48 -19.04 -11.06 -12.43
N ASP A 49 -19.96 -12.03 -12.44
CA ASP A 49 -19.76 -13.30 -13.11
C ASP A 49 -20.38 -13.05 -14.49
N LYS A 50 -21.47 -12.29 -14.46
CA LYS A 50 -22.17 -11.93 -15.67
C LYS A 50 -21.34 -10.85 -16.35
N GLN A 51 -20.75 -9.97 -15.54
CA GLN A 51 -19.90 -8.90 -16.05
C GLN A 51 -18.63 -9.47 -16.65
N LEU A 52 -18.08 -10.45 -15.96
CA LEU A 52 -16.86 -11.11 -16.41
C LEU A 52 -17.12 -11.79 -17.74
N PHE A 53 -18.30 -12.42 -17.84
CA PHE A 53 -18.70 -13.12 -19.06
C PHE A 53 -18.82 -12.12 -20.20
N THR A 54 -19.51 -11.00 -19.95
CA THR A 54 -19.69 -10.00 -20.99
C THR A 54 -18.35 -9.36 -21.38
N LEU A 55 -17.43 -9.27 -20.42
CA LEU A 55 -16.12 -8.70 -20.70
C LEU A 55 -15.35 -9.61 -21.64
N VAL A 56 -15.29 -10.90 -21.29
CA VAL A 56 -14.57 -11.87 -22.09
C VAL A 56 -15.12 -11.97 -23.52
N GLU A 57 -16.44 -11.89 -23.67
CA GLU A 57 -17.06 -11.97 -24.99
C GLU A 57 -16.76 -10.71 -25.78
N TRP A 58 -16.67 -9.58 -25.08
CA TRP A 58 -16.35 -8.31 -25.71
C TRP A 58 -14.93 -8.42 -26.28
N ALA A 59 -14.00 -8.90 -25.47
CA ALA A 59 -12.60 -9.03 -25.91
C ALA A 59 -12.44 -9.95 -27.10
N LYS A 60 -13.15 -11.07 -27.12
CA LYS A 60 -13.06 -12.02 -28.23
C LYS A 60 -13.48 -11.38 -29.55
N ARG A 61 -14.37 -10.39 -29.47
CA ARG A 61 -14.84 -9.69 -30.66
C ARG A 61 -13.87 -8.61 -31.14
N ILE A 62 -12.89 -8.27 -30.32
CA ILE A 62 -11.88 -7.27 -30.70
C ILE A 62 -10.98 -7.95 -31.73
N PRO A 63 -10.86 -7.35 -32.93
CA PRO A 63 -10.03 -7.93 -33.99
C PRO A 63 -8.62 -8.28 -33.54
N HIS A 64 -8.19 -9.50 -33.84
CA HIS A 64 -6.84 -9.99 -33.51
C HIS A 64 -6.57 -10.50 -32.09
N PHE A 65 -7.45 -10.17 -31.15
CA PHE A 65 -7.23 -10.60 -29.78
C PHE A 65 -7.13 -12.11 -29.70
N SER A 66 -8.14 -12.80 -30.22
CA SER A 66 -8.18 -14.26 -30.19
C SER A 66 -7.03 -14.88 -30.96
N GLU A 67 -6.26 -14.05 -31.66
CA GLU A 67 -5.12 -14.53 -32.43
C GLU A 67 -3.85 -14.57 -31.60
N LEU A 68 -3.88 -13.93 -30.44
CA LEU A 68 -2.72 -13.90 -29.56
C LEU A 68 -2.63 -15.24 -28.85
N PRO A 69 -1.44 -15.58 -28.30
CA PRO A 69 -1.35 -16.87 -27.62
C PRO A 69 -2.33 -16.85 -26.45
N LEU A 70 -2.97 -17.98 -26.17
CA LEU A 70 -3.93 -18.07 -25.07
C LEU A 70 -3.45 -17.45 -23.76
N ASP A 71 -2.23 -17.80 -23.34
CA ASP A 71 -1.68 -17.25 -22.10
C ASP A 71 -1.64 -15.73 -22.11
N ASP A 72 -1.30 -15.17 -23.27
CA ASP A 72 -1.22 -13.72 -23.40
C ASP A 72 -2.61 -13.08 -23.27
N GLN A 73 -3.64 -13.82 -23.70
CA GLN A 73 -5.01 -13.34 -23.61
C GLN A 73 -5.50 -13.20 -22.18
N VAL A 74 -5.27 -14.22 -21.35
CA VAL A 74 -5.71 -14.17 -19.97
C VAL A 74 -4.92 -13.11 -19.21
N ILE A 75 -3.63 -13.01 -19.48
CA ILE A 75 -2.79 -12.03 -18.81
C ILE A 75 -3.25 -10.61 -19.14
N LEU A 76 -3.66 -10.39 -20.38
CA LEU A 76 -4.15 -9.06 -20.80
C LEU A 76 -5.48 -8.76 -20.12
N LEU A 77 -6.35 -9.77 -20.01
CA LEU A 77 -7.64 -9.61 -19.39
C LEU A 77 -7.56 -9.37 -17.88
N ARG A 78 -6.62 -10.03 -17.20
CA ARG A 78 -6.50 -9.83 -15.78
C ARG A 78 -5.67 -8.59 -15.46
N ALA A 79 -4.93 -8.10 -16.45
CA ALA A 79 -4.15 -6.89 -16.25
C ALA A 79 -5.08 -5.70 -16.46
N GLY A 80 -6.10 -5.85 -17.29
CA GLY A 80 -6.97 -4.72 -17.56
C GLY A 80 -8.42 -4.74 -17.12
N TRP A 81 -8.92 -5.87 -16.62
CA TRP A 81 -10.33 -5.95 -16.23
C TRP A 81 -10.81 -4.78 -15.36
N ASN A 82 -9.99 -4.36 -14.40
CA ASN A 82 -10.36 -3.27 -13.50
C ASN A 82 -10.63 -1.96 -14.25
N GLU A 83 -9.66 -1.51 -15.04
CA GLU A 83 -9.82 -0.28 -15.81
C GLU A 83 -10.93 -0.44 -16.84
N LEU A 84 -11.03 -1.63 -17.43
CA LEU A 84 -12.06 -1.91 -18.44
C LEU A 84 -13.44 -1.72 -17.83
N LEU A 85 -13.62 -2.21 -16.61
CA LEU A 85 -14.91 -2.08 -15.94
C LEU A 85 -15.17 -0.65 -15.50
N ILE A 86 -14.17 0.00 -14.92
CA ILE A 86 -14.33 1.39 -14.48
C ILE A 86 -14.68 2.30 -15.67
N ALA A 87 -14.01 2.08 -16.79
CA ALA A 87 -14.27 2.89 -17.98
C ALA A 87 -15.72 2.74 -18.45
N SER A 88 -16.23 1.50 -18.44
CA SER A 88 -17.60 1.25 -18.88
C SER A 88 -18.69 1.88 -18.02
N PHE A 89 -18.62 1.73 -16.70
CA PHE A 89 -19.68 2.32 -15.92
C PHE A 89 -19.52 3.83 -15.79
N SER A 90 -18.33 4.33 -16.10
CA SER A 90 -18.12 5.78 -16.05
C SER A 90 -18.84 6.41 -17.23
N HIS A 91 -18.69 5.81 -18.41
CA HIS A 91 -19.35 6.35 -19.59
C HIS A 91 -20.87 6.21 -19.43
N ARG A 92 -21.32 5.07 -18.91
CA ARG A 92 -22.74 4.84 -18.70
C ARG A 92 -23.36 5.83 -17.70
N SER A 93 -22.55 6.35 -16.77
CA SER A 93 -23.02 7.27 -15.73
C SER A 93 -23.17 8.73 -16.20
N ILE A 94 -22.80 8.99 -17.44
CA ILE A 94 -22.92 10.33 -18.02
C ILE A 94 -24.39 10.79 -17.88
N ALA A 95 -25.30 9.83 -17.92
CA ALA A 95 -26.73 10.10 -17.83
C ALA A 95 -27.20 10.39 -16.40
N VAL A 96 -26.27 10.36 -15.45
CA VAL A 96 -26.60 10.62 -14.06
C VAL A 96 -25.71 11.68 -13.43
N LYS A 97 -26.21 12.33 -12.38
CA LYS A 97 -25.46 13.34 -11.66
C LYS A 97 -24.97 12.84 -10.30
N ASP A 98 -23.69 13.06 -10.03
CA ASP A 98 -23.01 12.65 -8.80
C ASP A 98 -23.32 11.24 -8.35
N GLY A 99 -23.50 10.35 -9.32
CA GLY A 99 -23.77 8.97 -9.02
C GLY A 99 -23.20 8.09 -10.12
N ILE A 100 -23.29 6.78 -9.93
CA ILE A 100 -22.79 5.84 -10.92
C ILE A 100 -23.81 4.75 -11.17
N LEU A 101 -23.94 4.36 -12.44
CA LEU A 101 -24.88 3.32 -12.84
C LEU A 101 -24.16 2.05 -13.22
N LEU A 102 -24.59 0.94 -12.65
CA LEU A 102 -24.01 -0.36 -12.97
C LEU A 102 -24.86 -1.07 -14.02
N ALA A 103 -24.38 -2.21 -14.50
CA ALA A 103 -25.04 -2.99 -15.54
C ALA A 103 -26.56 -3.18 -15.41
N THR A 104 -27.03 -3.51 -14.21
CA THR A 104 -28.46 -3.76 -14.01
C THR A 104 -29.36 -2.55 -13.78
N GLY A 105 -28.77 -1.36 -13.78
CA GLY A 105 -29.56 -0.17 -13.53
C GLY A 105 -29.46 0.19 -12.05
N LEU A 106 -28.54 -0.48 -11.36
CA LEU A 106 -28.30 -0.23 -9.96
C LEU A 106 -27.57 1.10 -9.84
N HIS A 107 -28.20 2.06 -9.19
CA HIS A 107 -27.59 3.38 -9.01
C HIS A 107 -26.91 3.53 -7.66
N VAL A 108 -25.67 3.99 -7.67
CA VAL A 108 -24.90 4.22 -6.45
C VAL A 108 -24.55 5.70 -6.39
N HIS A 109 -25.04 6.38 -5.37
CA HIS A 109 -24.79 7.81 -5.20
C HIS A 109 -23.52 8.03 -4.39
N ARG A 110 -22.84 9.15 -4.61
CA ARG A 110 -21.61 9.44 -3.90
C ARG A 110 -21.76 9.47 -2.39
N ASN A 111 -22.96 9.78 -1.92
CA ASN A 111 -23.25 9.80 -0.49
C ASN A 111 -22.84 8.46 0.12
N SER A 112 -23.29 7.36 -0.51
CA SER A 112 -22.97 6.01 -0.05
C SER A 112 -21.47 5.80 -0.04
N ALA A 113 -20.78 6.40 -1.00
CA ALA A 113 -19.34 6.27 -1.10
C ALA A 113 -18.64 7.02 0.03
N HIS A 114 -19.05 8.26 0.29
CA HIS A 114 -18.42 9.02 1.35
C HIS A 114 -18.68 8.40 2.72
N SER A 115 -19.82 7.72 2.85
CA SER A 115 -20.20 7.07 4.10
C SER A 115 -19.36 5.83 4.35
N ALA A 116 -19.03 5.11 3.29
CA ALA A 116 -18.23 3.89 3.41
C ALA A 116 -16.73 4.19 3.48
N GLY A 117 -16.36 5.46 3.38
CA GLY A 117 -14.96 5.81 3.45
C GLY A 117 -14.21 5.86 2.12
N VAL A 118 -14.93 5.74 1.01
CA VAL A 118 -14.29 5.80 -0.30
C VAL A 118 -14.78 6.98 -1.15
N GLY A 119 -15.11 8.08 -0.49
CA GLY A 119 -15.63 9.24 -1.19
C GLY A 119 -14.70 9.99 -2.12
N ALA A 120 -13.42 10.09 -1.74
CA ALA A 120 -12.46 10.81 -2.57
C ALA A 120 -12.24 10.09 -3.89
N ILE A 121 -12.11 8.76 -3.83
CA ILE A 121 -11.91 7.99 -5.03
C ILE A 121 -13.17 8.05 -5.89
N PHE A 122 -14.33 7.97 -5.25
CA PHE A 122 -15.60 8.01 -5.97
C PHE A 122 -15.72 9.35 -6.70
N ASP A 123 -15.35 10.44 -6.02
CA ASP A 123 -15.39 11.77 -6.62
C ASP A 123 -14.36 11.91 -7.76
N ARG A 124 -13.27 11.15 -7.70
CA ARG A 124 -12.29 11.24 -8.78
C ARG A 124 -12.94 10.64 -10.05
N VAL A 125 -13.70 9.57 -9.86
CA VAL A 125 -14.39 8.96 -10.99
C VAL A 125 -15.33 9.98 -11.61
N LEU A 126 -16.05 10.69 -10.74
CA LEU A 126 -17.00 11.70 -11.21
C LEU A 126 -16.38 12.91 -11.90
N THR A 127 -15.30 13.44 -11.34
CA THR A 127 -14.69 14.63 -11.91
C THR A 127 -13.61 14.41 -12.96
N GLU A 128 -12.90 13.29 -12.89
CA GLU A 128 -11.84 13.01 -13.84
C GLU A 128 -12.30 12.16 -15.02
N LEU A 129 -13.32 11.33 -14.82
CA LEU A 129 -13.83 10.49 -15.90
C LEU A 129 -15.22 10.90 -16.40
N VAL A 130 -16.25 10.63 -15.61
CA VAL A 130 -17.62 10.93 -16.02
C VAL A 130 -17.86 12.31 -16.58
N SER A 131 -17.50 13.34 -15.79
CA SER A 131 -17.69 14.74 -16.17
C SER A 131 -16.93 15.11 -17.46
N LYS A 132 -15.70 14.60 -17.59
CA LYS A 132 -14.89 14.84 -18.78
C LYS A 132 -15.53 14.15 -19.98
N MET A 133 -15.95 12.90 -19.80
CA MET A 133 -16.59 12.16 -20.88
C MET A 133 -17.85 12.89 -21.34
N ARG A 134 -18.58 13.45 -20.37
CA ARG A 134 -19.83 14.17 -20.65
C ARG A 134 -19.62 15.48 -21.39
N ASP A 135 -18.71 16.32 -20.88
CA ASP A 135 -18.46 17.62 -21.51
C ASP A 135 -17.93 17.55 -22.93
N MET A 136 -17.23 16.47 -23.28
CA MET A 136 -16.69 16.33 -24.62
C MET A 136 -17.58 15.43 -25.48
N GLN A 137 -18.62 14.90 -24.85
CA GLN A 137 -19.57 14.00 -25.51
C GLN A 137 -18.87 12.80 -26.13
N MET A 138 -18.10 12.09 -25.32
CA MET A 138 -17.38 10.91 -25.81
C MET A 138 -18.43 9.90 -26.25
N ASP A 139 -18.36 9.45 -27.50
CA ASP A 139 -19.34 8.49 -27.99
C ASP A 139 -18.88 7.05 -27.73
N LYS A 140 -19.76 6.09 -27.97
CA LYS A 140 -19.44 4.68 -27.70
C LYS A 140 -18.31 4.10 -28.54
N THR A 141 -18.13 4.62 -29.75
CA THR A 141 -17.05 4.13 -30.60
C THR A 141 -15.71 4.51 -29.96
N GLU A 142 -15.59 5.78 -29.57
CA GLU A 142 -14.38 6.27 -28.94
C GLU A 142 -14.15 5.49 -27.65
N LEU A 143 -15.20 5.27 -26.87
CA LEU A 143 -15.06 4.51 -25.63
C LEU A 143 -14.55 3.10 -25.92
N GLY A 144 -15.12 2.47 -26.93
CA GLY A 144 -14.72 1.12 -27.30
C GLY A 144 -13.25 1.05 -27.69
N CYS A 145 -12.76 2.08 -28.38
CA CYS A 145 -11.36 2.12 -28.77
C CYS A 145 -10.46 2.34 -27.55
N LEU A 146 -10.85 3.23 -26.65
CA LEU A 146 -10.04 3.46 -25.46
C LEU A 146 -9.92 2.15 -24.68
N ARG A 147 -11.01 1.39 -24.62
CA ARG A 147 -11.00 0.13 -23.90
C ARG A 147 -10.13 -0.91 -24.62
N ALA A 148 -10.16 -0.89 -25.95
CA ALA A 148 -9.33 -1.83 -26.72
C ALA A 148 -7.85 -1.50 -26.47
N ILE A 149 -7.52 -0.21 -26.39
CA ILE A 149 -6.15 0.22 -26.12
C ILE A 149 -5.72 -0.28 -24.74
N VAL A 150 -6.57 -0.08 -23.74
CA VAL A 150 -6.29 -0.55 -22.37
C VAL A 150 -6.10 -2.07 -22.38
N LEU A 151 -6.95 -2.79 -23.12
CA LEU A 151 -6.85 -4.24 -23.19
C LEU A 151 -5.48 -4.66 -23.75
N PHE A 152 -5.09 -4.09 -24.88
CA PHE A 152 -3.78 -4.39 -25.50
C PHE A 152 -2.70 -3.62 -24.76
N ASN A 153 -2.50 -3.96 -23.49
CA ASN A 153 -1.50 -3.27 -22.70
C ASN A 153 -0.16 -3.97 -22.83
N PRO A 154 0.77 -3.42 -23.63
CA PRO A 154 2.09 -4.03 -23.84
C PRO A 154 2.99 -4.08 -22.59
N ASP A 155 2.66 -3.32 -21.55
CA ASP A 155 3.47 -3.34 -20.32
C ASP A 155 3.03 -4.47 -19.39
N SER A 156 2.01 -5.22 -19.80
CA SER A 156 1.51 -6.32 -18.99
C SER A 156 2.61 -7.35 -18.76
N LYS A 157 2.84 -7.71 -17.50
CA LYS A 157 3.90 -8.65 -17.17
C LYS A 157 3.68 -10.09 -17.56
N GLY A 158 4.75 -10.71 -18.04
CA GLY A 158 4.70 -12.11 -18.42
C GLY A 158 4.22 -12.51 -19.80
N LEU A 159 3.95 -11.54 -20.68
CA LEU A 159 3.47 -11.94 -21.98
C LEU A 159 4.62 -12.28 -22.94
N SER A 160 4.40 -13.32 -23.75
CA SER A 160 5.39 -13.81 -24.69
C SER A 160 5.90 -12.82 -25.73
N ASN A 161 5.06 -11.89 -26.16
CA ASN A 161 5.48 -10.93 -27.18
C ASN A 161 4.91 -9.52 -27.01
N PRO A 162 5.56 -8.69 -26.17
CA PRO A 162 5.08 -7.32 -25.95
C PRO A 162 4.95 -6.57 -27.26
N ALA A 163 5.85 -6.86 -28.19
CA ALA A 163 5.87 -6.20 -29.49
C ALA A 163 4.58 -6.44 -30.27
N GLU A 164 4.14 -7.69 -30.28
CA GLU A 164 2.91 -8.05 -30.99
C GLU A 164 1.71 -7.31 -30.38
N VAL A 165 1.70 -7.20 -29.05
CA VAL A 165 0.60 -6.52 -28.36
C VAL A 165 0.63 -5.02 -28.67
N GLU A 166 1.81 -4.42 -28.67
CA GLU A 166 1.87 -3.00 -28.95
C GLU A 166 1.53 -2.72 -30.40
N ALA A 167 1.75 -3.71 -31.25
CA ALA A 167 1.41 -3.54 -32.66
C ALA A 167 -0.12 -3.49 -32.78
N LEU A 168 -0.80 -4.40 -32.08
CA LEU A 168 -2.27 -4.43 -32.13
C LEU A 168 -2.82 -3.15 -31.52
N ARG A 169 -2.12 -2.62 -30.52
CA ARG A 169 -2.51 -1.39 -29.86
C ARG A 169 -2.41 -0.21 -30.81
N GLU A 170 -1.36 -0.21 -31.64
CA GLU A 170 -1.17 0.87 -32.60
C GLU A 170 -2.25 0.86 -33.68
N LYS A 171 -2.68 -0.33 -34.08
CA LYS A 171 -3.72 -0.43 -35.10
C LYS A 171 -5.01 0.16 -34.56
N VAL A 172 -5.29 -0.09 -33.28
CA VAL A 172 -6.48 0.46 -32.67
C VAL A 172 -6.42 1.98 -32.62
N TYR A 173 -5.36 2.57 -32.08
CA TYR A 173 -5.35 4.03 -32.00
C TYR A 173 -5.15 4.75 -33.32
N ALA A 174 -4.60 4.07 -34.30
CA ALA A 174 -4.45 4.66 -35.62
C ALA A 174 -5.89 4.79 -36.17
N SER A 175 -6.71 3.76 -35.91
CA SER A 175 -8.12 3.73 -36.31
C SER A 175 -8.95 4.77 -35.57
N LEU A 176 -8.65 4.94 -34.28
CA LEU A 176 -9.36 5.92 -33.45
C LEU A 176 -9.05 7.32 -33.97
N GLU A 177 -7.80 7.59 -34.31
CA GLU A 177 -7.45 8.91 -34.83
C GLU A 177 -8.16 9.20 -36.16
N ALA A 178 -8.26 8.18 -37.01
CA ALA A 178 -8.95 8.33 -38.30
C ALA A 178 -10.41 8.67 -38.02
N TYR A 179 -10.98 7.98 -37.04
CA TYR A 179 -12.36 8.17 -36.65
C TYR A 179 -12.60 9.63 -36.24
N CYS A 180 -11.80 10.11 -35.29
CA CYS A 180 -11.92 11.48 -34.79
C CYS A 180 -11.78 12.56 -35.86
N LYS A 181 -10.82 12.39 -36.75
CA LYS A 181 -10.60 13.38 -37.82
C LYS A 181 -11.76 13.51 -38.81
N HIS A 182 -12.41 12.39 -39.13
CA HIS A 182 -13.52 12.41 -40.08
C HIS A 182 -14.88 12.66 -39.44
N LYS A 183 -15.05 12.21 -38.20
CA LYS A 183 -16.31 12.39 -37.48
C LYS A 183 -16.35 13.78 -36.84
N TYR A 184 -15.19 14.28 -36.41
CA TYR A 184 -15.11 15.59 -35.76
C TYR A 184 -13.98 16.40 -36.36
N PRO A 185 -14.06 16.69 -37.68
CA PRO A 185 -13.01 17.46 -38.32
C PRO A 185 -12.77 18.84 -37.71
N GLU A 186 -13.80 19.42 -37.12
CA GLU A 186 -13.69 20.75 -36.52
C GLU A 186 -12.95 20.77 -35.17
N GLN A 187 -12.65 19.59 -34.59
CA GLN A 187 -11.91 19.57 -33.32
C GLN A 187 -10.66 18.70 -33.40
N PRO A 188 -9.56 19.29 -33.90
CA PRO A 188 -8.26 18.64 -34.07
C PRO A 188 -7.59 18.04 -32.81
N GLY A 189 -7.92 18.56 -31.63
CA GLY A 189 -7.32 18.04 -30.42
C GLY A 189 -8.09 16.91 -29.78
N ARG A 190 -9.20 16.49 -30.39
CA ARG A 190 -10.03 15.44 -29.82
C ARG A 190 -9.31 14.09 -29.61
N PHE A 191 -8.55 13.65 -30.59
CA PHE A 191 -7.82 12.39 -30.46
C PHE A 191 -6.95 12.43 -29.19
N ALA A 192 -6.14 13.47 -29.06
CA ALA A 192 -5.27 13.60 -27.90
C ALA A 192 -6.06 13.64 -26.59
N LYS A 193 -7.13 14.43 -26.56
CA LYS A 193 -7.97 14.51 -25.36
C LYS A 193 -8.44 13.14 -24.91
N LEU A 194 -8.90 12.32 -25.85
CA LEU A 194 -9.37 10.97 -25.51
C LEU A 194 -8.23 10.21 -24.83
N LEU A 195 -7.07 10.21 -25.48
CA LEU A 195 -5.91 9.52 -24.95
C LEU A 195 -5.49 10.06 -23.59
N LEU A 196 -5.64 11.36 -23.39
CA LEU A 196 -5.23 11.93 -22.11
C LEU A 196 -6.17 11.66 -20.94
N ARG A 197 -7.16 10.80 -21.14
CA ARG A 197 -8.04 10.43 -20.04
C ARG A 197 -7.50 9.11 -19.48
N LEU A 198 -6.57 8.50 -20.21
CA LEU A 198 -6.00 7.22 -19.80
C LEU A 198 -5.17 7.22 -18.51
N PRO A 199 -4.42 8.30 -18.23
CA PRO A 199 -3.63 8.29 -16.99
C PRO A 199 -4.55 8.32 -15.76
N ALA A 200 -5.61 9.13 -15.85
CA ALA A 200 -6.60 9.24 -14.78
C ALA A 200 -7.25 7.88 -14.55
N LEU A 201 -7.61 7.20 -15.63
CA LEU A 201 -8.22 5.88 -15.51
C LEU A 201 -7.21 4.96 -14.83
N ARG A 202 -5.93 5.16 -15.15
CA ARG A 202 -4.85 4.34 -14.56
C ARG A 202 -4.75 4.55 -13.05
N SER A 203 -4.66 5.80 -12.61
CA SER A 203 -4.56 6.06 -11.17
C SER A 203 -5.85 5.69 -10.44
N ILE A 204 -7.00 5.92 -11.06
CA ILE A 204 -8.25 5.56 -10.40
C ILE A 204 -8.35 4.06 -10.22
N GLY A 205 -7.97 3.29 -11.24
CA GLY A 205 -8.01 1.84 -11.13
C GLY A 205 -7.15 1.36 -9.96
N LEU A 206 -5.96 1.94 -9.83
CA LEU A 206 -5.06 1.56 -8.75
C LEU A 206 -5.64 1.90 -7.39
N LYS A 207 -6.21 3.09 -7.26
CA LYS A 207 -6.78 3.48 -5.99
C LYS A 207 -8.01 2.65 -5.66
N CYS A 208 -8.80 2.31 -6.67
CA CYS A 208 -9.99 1.50 -6.43
C CYS A 208 -9.59 0.13 -5.90
N LEU A 209 -8.46 -0.39 -6.37
CA LEU A 209 -7.97 -1.68 -5.91
C LEU A 209 -7.40 -1.57 -4.50
N GLU A 210 -6.53 -0.59 -4.30
CA GLU A 210 -5.90 -0.33 -3.01
C GLU A 210 -6.90 -0.16 -1.88
N HIS A 211 -7.94 0.63 -2.13
CA HIS A 211 -8.93 0.92 -1.10
C HIS A 211 -10.17 0.04 -1.07
N LEU A 212 -10.10 -1.11 -1.74
CA LEU A 212 -11.23 -2.06 -1.76
C LEU A 212 -12.51 -1.31 -2.06
N PHE A 213 -12.50 -0.58 -3.16
CA PHE A 213 -13.63 0.22 -3.61
C PHE A 213 -14.96 -0.52 -3.58
N PHE A 214 -15.11 -1.48 -4.49
CA PHE A 214 -16.34 -2.27 -4.58
C PHE A 214 -16.77 -2.90 -3.25
N PHE A 215 -15.83 -3.55 -2.57
CA PHE A 215 -16.16 -4.18 -1.29
C PHE A 215 -16.74 -3.19 -0.29
N LYS A 216 -16.17 -1.99 -0.23
CA LYS A 216 -16.65 -0.99 0.72
C LYS A 216 -18.00 -0.41 0.34
N LEU A 217 -18.35 -0.44 -0.95
CA LEU A 217 -19.63 0.10 -1.39
C LEU A 217 -20.79 -0.78 -0.95
N ILE A 218 -20.51 -2.05 -0.72
CA ILE A 218 -21.54 -2.99 -0.28
C ILE A 218 -22.11 -2.56 1.07
N GLY A 219 -21.30 -1.86 1.86
CA GLY A 219 -21.75 -1.41 3.16
C GLY A 219 -21.38 -2.43 4.22
N ASP A 220 -21.31 -1.99 5.47
CA ASP A 220 -20.95 -2.89 6.55
C ASP A 220 -22.14 -3.64 7.14
N THR A 221 -23.35 -3.09 6.97
CA THR A 221 -24.53 -3.75 7.53
C THR A 221 -24.71 -5.18 7.01
N PRO A 222 -24.60 -5.39 5.69
CA PRO A 222 -24.77 -6.75 5.17
C PRO A 222 -23.64 -7.67 5.63
N ILE A 223 -22.75 -7.15 6.46
CA ILE A 223 -21.65 -7.97 6.97
C ILE A 223 -22.12 -8.46 8.32
N ASP A 224 -22.58 -7.51 9.12
CA ASP A 224 -23.08 -7.81 10.45
C ASP A 224 -24.34 -8.63 10.31
N THR A 225 -25.01 -8.48 9.16
CA THR A 225 -26.25 -9.20 8.92
C THR A 225 -26.14 -10.72 9.00
N PHE A 226 -25.53 -11.34 8.00
CA PHE A 226 -25.42 -12.80 8.00
C PHE A 226 -24.32 -13.27 8.94
N LEU A 227 -23.54 -12.34 9.45
CA LEU A 227 -22.49 -12.71 10.40
C LEU A 227 -23.26 -12.94 11.69
N MET A 228 -24.20 -12.04 11.98
CA MET A 228 -25.02 -12.16 13.18
C MET A 228 -25.90 -13.39 13.00
N GLU A 229 -26.11 -13.76 11.75
CA GLU A 229 -26.92 -14.91 11.38
C GLU A 229 -26.20 -16.21 11.69
N MET A 230 -24.93 -16.28 11.30
CA MET A 230 -24.12 -17.48 11.50
C MET A 230 -24.03 -17.90 12.97
N LEU A 231 -24.04 -16.94 13.88
CA LEU A 231 -23.96 -17.25 15.31
C LEU A 231 -25.27 -16.93 16.03
N GLU A 232 -26.34 -16.86 15.25
CA GLU A 232 -27.67 -16.60 15.77
C GLU A 232 -28.57 -17.59 15.06
N ALA A 233 -28.01 -18.76 14.76
CA ALA A 233 -28.71 -19.81 14.06
C ALA A 233 -30.08 -20.11 14.68
N PRO A 234 -30.72 -21.18 14.22
CA PRO A 234 -32.03 -21.53 14.75
C PRO A 234 -32.12 -23.03 15.02
N PRO B 7 6.66 28.02 -27.65
CA PRO B 7 6.06 26.66 -27.79
C PRO B 7 7.14 25.59 -27.66
N VAL B 8 7.23 24.69 -28.65
CA VAL B 8 8.20 23.61 -28.65
C VAL B 8 9.64 24.06 -28.33
N GLU B 9 10.07 25.12 -29.01
CA GLU B 9 11.40 25.67 -28.84
C GLU B 9 11.68 26.22 -27.43
N ARG B 10 10.71 26.92 -26.85
CA ARG B 10 10.89 27.47 -25.50
C ARG B 10 10.90 26.35 -24.47
N ILE B 11 10.13 25.29 -24.72
CA ILE B 11 10.08 24.17 -23.81
C ILE B 11 11.40 23.40 -23.89
N LEU B 12 11.94 23.24 -25.10
CA LEU B 12 13.22 22.55 -25.26
C LEU B 12 14.30 23.34 -24.51
N GLU B 13 14.27 24.65 -24.65
CA GLU B 13 15.23 25.52 -23.96
C GLU B 13 15.12 25.33 -22.45
N ALA B 14 13.91 25.06 -21.96
CA ALA B 14 13.68 24.83 -20.53
C ALA B 14 14.33 23.52 -20.09
N GLU B 15 14.26 22.50 -20.95
CA GLU B 15 14.86 21.21 -20.65
C GLU B 15 16.38 21.35 -20.61
N LEU B 16 16.92 22.06 -21.59
CA LEU B 16 18.35 22.25 -21.68
C LEU B 16 18.94 23.16 -20.60
N ALA B 17 18.28 24.27 -20.33
CA ALA B 17 18.77 25.22 -19.33
C ALA B 17 19.19 24.52 -18.04
N VAL B 18 18.22 24.20 -17.20
CA VAL B 18 18.48 23.56 -15.92
C VAL B 18 18.69 22.05 -16.00
N GLU B 19 19.92 21.61 -16.28
CA GLU B 19 20.22 20.17 -16.34
C GLU B 19 21.44 19.64 -17.09
N PRO B 20 22.65 19.78 -16.52
CA PRO B 20 23.85 19.22 -17.15
C PRO B 20 25.20 19.85 -16.91
N LYS B 21 25.71 20.54 -17.93
CA LYS B 21 27.03 21.12 -17.86
C LYS B 21 27.90 19.91 -17.59
N THR B 22 28.52 19.35 -18.64
CA THR B 22 29.36 18.15 -18.50
C THR B 22 30.11 18.05 -17.17
N GLU B 23 30.08 19.14 -16.41
CA GLU B 23 30.70 19.24 -15.11
C GLU B 23 29.74 18.87 -13.96
N THR B 24 28.45 19.14 -14.13
CA THR B 24 27.49 18.80 -13.07
C THR B 24 27.41 17.30 -12.91
N TYR B 25 27.17 16.60 -14.02
CA TYR B 25 27.08 15.15 -14.00
C TYR B 25 28.40 14.59 -13.48
N VAL B 26 29.35 15.47 -13.20
CA VAL B 26 30.68 15.08 -12.71
C VAL B 26 30.70 14.86 -11.20
N GLU B 27 30.90 15.95 -10.48
CA GLU B 27 30.97 15.97 -9.02
C GLU B 27 30.56 14.71 -8.26
N ALA B 28 29.35 14.19 -8.51
CA ALA B 28 28.89 13.01 -7.78
C ALA B 28 29.08 11.65 -8.46
N ASN B 29 30.33 11.26 -8.73
CA ASN B 29 30.61 9.98 -9.36
C ASN B 29 32.08 9.73 -9.61
N MET B 30 32.94 10.17 -8.70
CA MET B 30 34.39 10.00 -8.81
C MET B 30 35.17 11.05 -8.05
N GLY B 31 34.62 11.49 -6.94
CA GLY B 31 35.28 12.52 -6.18
C GLY B 31 34.85 13.89 -6.64
N LEU B 32 35.78 14.67 -7.21
CA LEU B 32 35.50 16.01 -7.72
C LEU B 32 34.14 16.52 -7.28
N ASN B 33 33.90 16.43 -5.99
CA ASN B 33 32.64 16.87 -5.37
C ASN B 33 33.03 17.41 -4.01
N PRO B 34 32.20 18.29 -3.48
CA PRO B 34 32.46 18.88 -2.17
C PRO B 34 31.37 18.47 -1.18
N SER B 35 31.49 19.02 0.03
CA SER B 35 30.57 18.77 1.14
C SER B 35 30.80 17.48 1.94
N SER B 36 31.42 16.47 1.34
CA SER B 36 31.65 15.18 2.02
C SER B 36 30.50 14.73 2.93
N PRO B 37 29.78 13.69 2.52
CA PRO B 37 28.66 13.18 3.31
C PRO B 37 29.08 12.83 4.74
N ASN B 38 28.37 13.41 5.72
CA ASN B 38 28.65 13.16 7.13
C ASN B 38 27.38 13.15 8.02
N ASP B 39 26.66 14.26 8.05
CA ASP B 39 25.43 14.39 8.84
C ASP B 39 24.25 13.87 8.01
N PRO B 40 23.32 13.13 8.66
CA PRO B 40 22.15 12.55 7.98
C PRO B 40 21.05 13.46 7.44
N VAL B 41 19.92 13.45 8.14
CA VAL B 41 18.72 14.19 7.78
C VAL B 41 18.89 15.57 7.15
N THR B 42 19.63 16.45 7.80
CA THR B 42 19.84 17.79 7.25
C THR B 42 20.52 17.74 5.88
N ASN B 43 21.49 16.84 5.73
CA ASN B 43 22.21 16.66 4.47
C ASN B 43 21.26 16.27 3.34
N ILE B 44 20.43 15.27 3.59
CA ILE B 44 19.50 14.81 2.59
C ILE B 44 18.42 15.84 2.31
N CYS B 45 18.00 16.57 3.34
CA CYS B 45 16.99 17.60 3.15
C CYS B 45 17.51 18.72 2.25
N GLN B 46 18.78 19.07 2.40
CA GLN B 46 19.39 20.10 1.56
C GLN B 46 19.49 19.57 0.13
N ALA B 47 19.81 18.29 0.00
CA ALA B 47 19.92 17.67 -1.32
C ALA B 47 18.55 17.70 -2.00
N ALA B 48 17.51 17.39 -1.24
CA ALA B 48 16.15 17.38 -1.76
C ALA B 48 15.71 18.79 -2.18
N ASP B 49 16.02 19.75 -1.32
CA ASP B 49 15.68 21.14 -1.55
C ASP B 49 16.25 21.59 -2.90
N LYS B 50 17.51 21.24 -3.13
CA LYS B 50 18.20 21.58 -4.36
C LYS B 50 17.49 20.98 -5.58
N GLN B 51 17.16 19.70 -5.49
CA GLN B 51 16.49 19.02 -6.59
C GLN B 51 15.12 19.61 -6.89
N LEU B 52 14.36 19.89 -5.84
CA LEU B 52 13.04 20.46 -6.03
C LEU B 52 13.15 21.86 -6.65
N PHE B 53 14.18 22.61 -6.26
CA PHE B 53 14.35 23.96 -6.81
C PHE B 53 14.58 23.91 -8.30
N THR B 54 15.34 22.93 -8.75
CA THR B 54 15.62 22.74 -10.16
C THR B 54 14.32 22.50 -10.91
N LEU B 55 13.36 21.89 -10.21
CA LEU B 55 12.07 21.59 -10.82
C LEU B 55 11.26 22.88 -10.95
N VAL B 56 11.33 23.72 -9.92
CA VAL B 56 10.61 24.99 -9.93
C VAL B 56 11.17 25.93 -11.00
N GLU B 57 12.49 25.99 -11.12
CA GLU B 57 13.11 26.86 -12.11
C GLU B 57 12.68 26.42 -13.51
N TRP B 58 12.62 25.11 -13.72
CA TRP B 58 12.18 24.55 -14.99
C TRP B 58 10.73 24.97 -15.27
N ALA B 59 9.86 24.75 -14.29
CA ALA B 59 8.45 25.07 -14.45
C ALA B 59 8.27 26.54 -14.83
N LYS B 60 9.04 27.41 -14.19
CA LYS B 60 8.95 28.83 -14.46
C LYS B 60 9.38 29.20 -15.87
N ARG B 61 10.12 28.32 -16.56
CA ARG B 61 10.55 28.59 -17.91
C ARG B 61 9.58 28.08 -18.97
N ILE B 62 8.59 27.31 -18.53
CA ILE B 62 7.58 26.77 -19.44
C ILE B 62 6.60 27.94 -19.70
N PRO B 63 6.31 28.24 -20.98
CA PRO B 63 5.41 29.34 -21.37
C PRO B 63 4.05 29.34 -20.70
N HIS B 64 3.69 30.49 -20.11
CA HIS B 64 2.38 30.68 -19.45
C HIS B 64 2.24 30.18 -18.02
N PHE B 65 3.08 29.23 -17.61
CA PHE B 65 2.99 28.71 -16.25
C PHE B 65 3.06 29.86 -15.24
N SER B 66 3.97 30.80 -15.48
CA SER B 66 4.12 31.93 -14.57
C SER B 66 2.95 32.91 -14.57
N GLU B 67 2.07 32.83 -15.58
CA GLU B 67 0.93 33.74 -15.67
C GLU B 67 -0.29 33.22 -14.93
N LEU B 68 -0.15 32.05 -14.32
CA LEU B 68 -1.23 31.44 -13.55
C LEU B 68 -1.16 31.98 -12.14
N PRO B 69 -2.29 31.93 -11.40
CA PRO B 69 -2.29 32.42 -10.01
C PRO B 69 -1.24 31.65 -9.22
N LEU B 70 -0.53 32.33 -8.32
CA LEU B 70 0.50 31.67 -7.55
C LEU B 70 0.01 30.41 -6.86
N ASP B 71 -1.21 30.46 -6.34
CA ASP B 71 -1.77 29.31 -5.64
C ASP B 71 -1.96 28.11 -6.57
N ASP B 72 -2.15 28.37 -7.85
CA ASP B 72 -2.33 27.29 -8.82
C ASP B 72 -0.99 26.72 -9.26
N GLN B 73 0.07 27.55 -9.25
CA GLN B 73 1.39 27.07 -9.62
C GLN B 73 1.83 26.09 -8.54
N VAL B 74 1.53 26.45 -7.30
CA VAL B 74 1.85 25.62 -6.14
C VAL B 74 1.11 24.28 -6.22
N ILE B 75 -0.17 24.34 -6.60
CA ILE B 75 -1.04 23.15 -6.74
C ILE B 75 -0.50 22.25 -7.86
N LEU B 76 -0.17 22.83 -9.00
CA LEU B 76 0.35 22.03 -10.11
C LEU B 76 1.69 21.39 -9.74
N LEU B 77 2.55 22.12 -9.03
CA LEU B 77 3.84 21.56 -8.63
C LEU B 77 3.66 20.42 -7.63
N ARG B 78 2.75 20.59 -6.67
CA ARG B 78 2.52 19.55 -5.68
C ARG B 78 1.91 18.30 -6.31
N ALA B 79 1.12 18.50 -7.35
CA ALA B 79 0.47 17.41 -8.03
C ALA B 79 1.39 16.66 -8.98
N GLY B 80 2.36 17.35 -9.58
CA GLY B 80 3.21 16.65 -10.53
C GLY B 80 4.68 16.43 -10.30
N TRP B 81 5.23 16.95 -9.20
CA TRP B 81 6.66 16.83 -8.95
C TRP B 81 7.23 15.42 -9.07
N ASN B 82 6.59 14.42 -8.47
CA ASN B 82 7.11 13.05 -8.56
C ASN B 82 7.19 12.53 -10.00
N GLU B 83 6.14 12.74 -10.79
CA GLU B 83 6.18 12.29 -12.19
C GLU B 83 7.18 13.12 -13.00
N LEU B 84 7.27 14.41 -12.73
CA LEU B 84 8.21 15.27 -13.47
C LEU B 84 9.65 14.76 -13.27
N LEU B 85 9.98 14.39 -12.04
CA LEU B 85 11.31 13.90 -11.75
C LEU B 85 11.61 12.52 -12.33
N ILE B 86 10.66 11.60 -12.23
CA ILE B 86 10.89 10.27 -12.77
C ILE B 86 11.00 10.32 -14.28
N ALA B 87 10.25 11.23 -14.90
CA ALA B 87 10.32 11.37 -16.37
C ALA B 87 11.75 11.83 -16.72
N SER B 88 12.26 12.79 -15.95
CA SER B 88 13.61 13.32 -16.17
C SER B 88 14.72 12.29 -16.06
N PHE B 89 14.79 11.54 -14.96
CA PHE B 89 15.87 10.56 -14.84
C PHE B 89 15.63 9.30 -15.68
N SER B 90 14.38 9.04 -16.02
CA SER B 90 14.08 7.89 -16.86
C SER B 90 14.65 8.14 -18.25
N HIS B 91 14.44 9.35 -18.77
CA HIS B 91 14.96 9.71 -20.08
C HIS B 91 16.47 9.77 -20.10
N ARG B 92 17.08 10.29 -19.03
CA ARG B 92 18.53 10.39 -18.96
C ARG B 92 19.18 9.00 -18.97
N SER B 93 18.44 8.00 -18.49
CA SER B 93 18.94 6.63 -18.41
C SER B 93 18.91 5.80 -19.70
N ILE B 94 18.38 6.32 -20.80
CA ILE B 94 18.34 5.49 -22.01
C ILE B 94 19.75 5.15 -22.46
N ALA B 95 20.72 5.92 -22.00
CA ALA B 95 22.12 5.69 -22.36
C ALA B 95 22.69 4.39 -21.82
N VAL B 96 22.25 3.96 -20.64
CA VAL B 96 22.75 2.72 -20.03
C VAL B 96 21.68 1.63 -19.93
N LYS B 97 22.15 0.38 -19.86
CA LYS B 97 21.27 -0.78 -19.73
C LYS B 97 21.68 -1.53 -18.47
N ASP B 98 21.30 -0.94 -17.34
CA ASP B 98 21.59 -1.51 -16.02
C ASP B 98 20.67 -0.87 -14.99
N GLY B 99 20.99 0.36 -14.58
CA GLY B 99 20.15 1.07 -13.63
C GLY B 99 19.74 2.43 -14.14
N ILE B 100 19.92 3.46 -13.32
CA ILE B 100 19.56 4.81 -13.73
C ILE B 100 20.67 5.81 -13.47
N LEU B 101 20.65 6.89 -14.24
CA LEU B 101 21.63 7.95 -14.11
C LEU B 101 20.96 9.14 -13.44
N LEU B 102 21.54 9.63 -12.35
CA LEU B 102 20.98 10.78 -11.66
C LEU B 102 21.53 12.07 -12.28
N ALA B 103 20.95 13.21 -11.89
CA ALA B 103 21.39 14.52 -12.42
C ALA B 103 22.90 14.70 -12.36
N THR B 104 23.49 14.23 -11.27
CA THR B 104 24.94 14.36 -11.08
C THR B 104 25.65 13.37 -11.96
N GLY B 105 24.92 12.73 -12.86
CA GLY B 105 25.54 11.77 -13.77
C GLY B 105 25.96 10.46 -13.13
N LEU B 106 25.70 10.29 -11.84
CA LEU B 106 26.05 9.06 -11.12
C LEU B 106 25.11 7.89 -11.52
N HIS B 107 25.70 6.72 -11.74
CA HIS B 107 24.96 5.52 -12.16
C HIS B 107 24.54 4.69 -10.94
N VAL B 108 23.23 4.68 -10.67
CA VAL B 108 22.67 3.87 -9.59
C VAL B 108 22.29 2.54 -10.22
N HIS B 109 23.07 1.50 -9.92
CA HIS B 109 22.84 0.18 -10.49
C HIS B 109 21.63 -0.55 -9.96
N ARG B 110 21.08 -1.41 -10.81
CA ARG B 110 19.92 -2.21 -10.47
C ARG B 110 20.02 -2.92 -9.14
N ASN B 111 21.19 -3.50 -8.84
CA ASN B 111 21.34 -4.22 -7.58
C ASN B 111 21.19 -3.34 -6.34
N SER B 112 21.50 -2.06 -6.47
CA SER B 112 21.34 -1.16 -5.33
C SER B 112 19.86 -0.96 -4.99
N ALA B 113 19.01 -0.93 -6.01
CA ALA B 113 17.58 -0.74 -5.79
C ALA B 113 16.96 -1.96 -5.12
N HIS B 114 17.41 -3.14 -5.54
CA HIS B 114 16.90 -4.38 -4.96
C HIS B 114 17.37 -4.55 -3.52
N SER B 115 18.62 -4.17 -3.24
CA SER B 115 19.14 -4.27 -1.88
C SER B 115 18.39 -3.31 -0.95
N ALA B 116 17.90 -2.20 -1.51
CA ALA B 116 17.17 -1.22 -0.72
C ALA B 116 15.69 -1.57 -0.59
N GLY B 117 15.28 -2.69 -1.15
CA GLY B 117 13.89 -3.10 -1.07
C GLY B 117 12.90 -2.43 -2.02
N VAL B 118 13.39 -1.81 -3.09
CA VAL B 118 12.49 -1.18 -4.07
C VAL B 118 12.77 -1.75 -5.45
N GLY B 119 13.24 -2.98 -5.48
CA GLY B 119 13.56 -3.65 -6.73
C GLY B 119 12.42 -3.78 -7.74
N ALA B 120 11.23 -4.14 -7.28
CA ALA B 120 10.11 -4.31 -8.20
C ALA B 120 9.69 -3.00 -8.87
N ILE B 121 9.67 -1.91 -8.13
CA ILE B 121 9.28 -0.62 -8.70
C ILE B 121 10.41 -0.12 -9.61
N PHE B 122 11.65 -0.33 -9.20
CA PHE B 122 12.79 0.07 -10.01
C PHE B 122 12.72 -0.64 -11.37
N ASP B 123 12.40 -1.93 -11.35
CA ASP B 123 12.32 -2.70 -12.60
C ASP B 123 11.19 -2.19 -13.51
N ARG B 124 10.14 -1.63 -12.92
CA ARG B 124 9.03 -1.07 -13.69
C ARG B 124 9.53 0.17 -14.43
N VAL B 125 10.29 1.00 -13.72
CA VAL B 125 10.84 2.21 -14.33
C VAL B 125 11.68 1.79 -15.53
N LEU B 126 12.45 0.73 -15.36
CA LEU B 126 13.32 0.21 -16.42
C LEU B 126 12.60 -0.27 -17.66
N THR B 127 11.63 -1.16 -17.46
CA THR B 127 10.87 -1.77 -18.54
C THR B 127 9.74 -0.93 -19.16
N GLU B 128 9.02 -0.17 -18.33
CA GLU B 128 7.91 0.65 -18.83
C GLU B 128 8.27 2.06 -19.30
N LEU B 129 9.34 2.61 -18.75
CA LEU B 129 9.76 3.96 -19.13
C LEU B 129 11.11 4.00 -19.85
N VAL B 130 12.17 3.60 -19.17
CA VAL B 130 13.50 3.66 -19.79
C VAL B 130 13.59 2.90 -21.12
N SER B 131 13.27 1.61 -21.15
CA SER B 131 13.40 0.87 -22.40
C SER B 131 12.43 1.35 -23.47
N LYS B 132 11.23 1.76 -23.06
CA LYS B 132 10.26 2.25 -24.02
C LYS B 132 10.73 3.54 -24.68
N MET B 133 11.31 4.44 -23.87
CA MET B 133 11.81 5.71 -24.39
C MET B 133 12.97 5.40 -25.33
N ARG B 134 13.82 4.44 -24.95
CA ARG B 134 14.96 4.04 -25.77
C ARG B 134 14.48 3.46 -27.10
N ASP B 135 13.50 2.56 -27.03
CA ASP B 135 12.95 1.92 -28.22
C ASP B 135 12.47 2.90 -29.29
N MET B 136 11.87 4.01 -28.86
CA MET B 136 11.37 5.01 -29.81
C MET B 136 12.31 6.19 -29.93
N GLN B 137 13.43 6.14 -29.22
CA GLN B 137 14.40 7.23 -29.24
C GLN B 137 13.74 8.59 -28.98
N MET B 138 12.93 8.67 -27.93
CA MET B 138 12.25 9.91 -27.54
C MET B 138 13.31 11.02 -27.41
N ASP B 139 13.12 12.15 -28.08
CA ASP B 139 14.13 13.20 -27.96
C ASP B 139 13.83 14.18 -26.83
N LYS B 140 14.75 15.11 -26.59
CA LYS B 140 14.57 16.07 -25.50
C LYS B 140 13.40 17.03 -25.67
N THR B 141 13.05 17.33 -26.92
CA THR B 141 11.92 18.22 -27.16
C THR B 141 10.64 17.52 -26.73
N GLU B 142 10.50 16.27 -27.16
CA GLU B 142 9.33 15.46 -26.83
C GLU B 142 9.25 15.21 -25.33
N LEU B 143 10.39 14.99 -24.68
CA LEU B 143 10.42 14.77 -23.23
C LEU B 143 9.93 16.03 -22.51
N GLY B 144 10.45 17.18 -22.94
CA GLY B 144 10.03 18.44 -22.35
C GLY B 144 8.56 18.71 -22.54
N CYS B 145 8.02 18.36 -23.71
CA CYS B 145 6.60 18.57 -23.96
C CYS B 145 5.74 17.66 -23.09
N LEU B 146 6.16 16.40 -22.94
CA LEU B 146 5.42 15.47 -22.09
C LEU B 146 5.45 15.97 -20.65
N ARG B 147 6.59 16.49 -20.20
CA ARG B 147 6.66 17.00 -18.83
C ARG B 147 5.79 18.25 -18.67
N ALA B 148 5.74 19.09 -19.71
CA ALA B 148 4.92 20.30 -19.68
C ALA B 148 3.44 19.90 -19.60
N ILE B 149 3.08 18.84 -20.31
CA ILE B 149 1.71 18.33 -20.29
C ILE B 149 1.39 17.86 -18.86
N VAL B 150 2.31 17.10 -18.28
CA VAL B 150 2.15 16.61 -16.91
C VAL B 150 2.02 17.78 -15.93
N LEU B 151 2.77 18.85 -16.19
CA LEU B 151 2.74 20.03 -15.32
C LEU B 151 1.35 20.68 -15.36
N PHE B 152 0.84 20.91 -16.56
CA PHE B 152 -0.49 21.52 -16.72
C PHE B 152 -1.56 20.44 -16.58
N ASN B 153 -1.72 19.92 -15.37
CA ASN B 153 -2.69 18.86 -15.11
C ASN B 153 -4.00 19.46 -14.59
N PRO B 154 -5.00 19.57 -15.47
CA PRO B 154 -6.30 20.14 -15.10
C PRO B 154 -7.09 19.34 -14.06
N ASP B 155 -6.67 18.12 -13.74
CA ASP B 155 -7.35 17.29 -12.73
C ASP B 155 -6.85 17.62 -11.31
N SER B 156 -5.80 18.46 -11.20
CA SER B 156 -5.26 18.80 -9.88
C SER B 156 -6.37 19.47 -9.05
N LYS B 157 -6.53 19.01 -7.81
CA LYS B 157 -7.58 19.53 -6.94
C LYS B 157 -7.32 20.91 -6.36
N GLY B 158 -8.34 21.75 -6.34
CA GLY B 158 -8.20 23.08 -5.77
C GLY B 158 -7.92 24.20 -6.74
N LEU B 159 -7.69 23.85 -7.99
CA LEU B 159 -7.42 24.87 -9.00
C LEU B 159 -8.55 25.87 -9.06
N SER B 160 -8.20 27.16 -9.16
CA SER B 160 -9.21 28.21 -9.22
C SER B 160 -9.86 28.25 -10.60
N ASN B 161 -9.20 27.64 -11.59
CA ASN B 161 -9.70 27.64 -12.96
C ASN B 161 -9.05 26.50 -13.74
N PRO B 162 -9.60 25.29 -13.63
CA PRO B 162 -9.01 24.15 -14.34
C PRO B 162 -9.06 24.32 -15.85
N ALA B 163 -10.06 25.03 -16.34
CA ALA B 163 -10.22 25.24 -17.77
C ALA B 163 -9.03 25.96 -18.38
N GLU B 164 -8.42 26.86 -17.63
CA GLU B 164 -7.27 27.59 -18.15
C GLU B 164 -6.06 26.67 -18.19
N VAL B 165 -5.96 25.77 -17.23
CA VAL B 165 -4.85 24.82 -17.19
C VAL B 165 -5.04 23.86 -18.35
N GLU B 166 -6.28 23.49 -18.61
CA GLU B 166 -6.58 22.58 -19.71
C GLU B 166 -6.23 23.23 -21.05
N ALA B 167 -6.47 24.53 -21.17
CA ALA B 167 -6.17 25.23 -22.41
C ALA B 167 -4.67 25.34 -22.64
N LEU B 168 -3.92 25.43 -21.54
CA LEU B 168 -2.47 25.51 -21.64
C LEU B 168 -1.95 24.13 -22.03
N ARG B 169 -2.59 23.08 -21.51
CA ARG B 169 -2.18 21.72 -21.85
C ARG B 169 -2.42 21.42 -23.33
N GLU B 170 -3.57 21.81 -23.85
CA GLU B 170 -3.87 21.55 -25.27
C GLU B 170 -2.93 22.29 -26.19
N LYS B 171 -2.50 23.49 -25.79
CA LYS B 171 -1.56 24.27 -26.61
C LYS B 171 -0.27 23.47 -26.70
N VAL B 172 0.16 22.89 -25.58
CA VAL B 172 1.39 22.09 -25.56
C VAL B 172 1.27 20.85 -26.43
N TYR B 173 0.23 20.04 -26.26
CA TYR B 173 0.19 18.85 -27.09
C TYR B 173 -0.20 19.07 -28.54
N ALA B 174 -0.80 20.21 -28.84
CA ALA B 174 -1.12 20.49 -30.24
C ALA B 174 0.22 20.82 -30.91
N SER B 175 1.09 21.50 -30.18
CA SER B 175 2.42 21.86 -30.70
C SER B 175 3.34 20.65 -30.75
N LEU B 176 3.16 19.71 -29.81
CA LEU B 176 3.98 18.50 -29.78
C LEU B 176 3.63 17.67 -31.02
N GLU B 177 2.33 17.56 -31.30
CA GLU B 177 1.90 16.78 -32.46
C GLU B 177 2.47 17.37 -33.77
N ALA B 178 2.43 18.69 -33.90
CA ALA B 178 2.95 19.34 -35.12
C ALA B 178 4.46 19.08 -35.23
N TYR B 179 5.14 19.16 -34.09
CA TYR B 179 6.57 18.90 -34.05
C TYR B 179 6.88 17.49 -34.54
N CYS B 180 6.18 16.49 -33.99
CA CYS B 180 6.39 15.09 -34.37
C CYS B 180 6.10 14.81 -35.85
N LYS B 181 4.99 15.33 -36.34
CA LYS B 181 4.62 15.10 -37.73
C LYS B 181 5.59 15.78 -38.68
N HIS B 182 6.16 16.91 -38.26
CA HIS B 182 7.12 17.61 -39.10
C HIS B 182 8.50 16.95 -39.02
N LYS B 183 8.94 16.67 -37.81
CA LYS B 183 10.24 16.07 -37.59
C LYS B 183 10.33 14.60 -37.99
N TYR B 184 9.27 13.85 -37.68
CA TYR B 184 9.25 12.42 -37.99
C TYR B 184 8.05 12.01 -38.84
N PRO B 185 7.93 12.56 -40.06
CA PRO B 185 6.81 12.24 -40.95
C PRO B 185 6.63 10.74 -41.25
N GLU B 186 7.71 9.96 -41.19
CA GLU B 186 7.62 8.53 -41.47
C GLU B 186 7.06 7.70 -40.31
N GLN B 187 6.80 8.35 -39.17
CA GLN B 187 6.27 7.65 -38.00
C GLN B 187 4.93 8.28 -37.62
N PRO B 188 3.87 7.98 -38.39
CA PRO B 188 2.53 8.52 -38.14
C PRO B 188 1.95 8.31 -36.73
N GLY B 189 2.27 7.20 -36.09
CA GLY B 189 1.74 6.98 -34.75
C GLY B 189 2.63 7.44 -33.60
N ARG B 190 3.69 8.19 -33.90
CA ARG B 190 4.61 8.65 -32.87
C ARG B 190 3.96 9.50 -31.78
N PHE B 191 3.19 10.49 -32.19
CA PHE B 191 2.51 11.37 -31.24
C PHE B 191 1.69 10.57 -30.22
N ALA B 192 0.87 9.64 -30.71
CA ALA B 192 0.04 8.84 -29.81
C ALA B 192 0.89 8.01 -28.86
N LYS B 193 1.96 7.42 -29.41
CA LYS B 193 2.87 6.59 -28.64
C LYS B 193 3.49 7.40 -27.48
N LEU B 194 3.82 8.67 -27.73
CA LEU B 194 4.39 9.52 -26.69
C LEU B 194 3.39 9.69 -25.56
N LEU B 195 2.15 10.04 -25.92
CA LEU B 195 1.11 10.23 -24.92
C LEU B 195 0.80 8.94 -24.17
N LEU B 196 0.88 7.80 -24.86
CA LEU B 196 0.57 6.54 -24.22
C LEU B 196 1.64 6.04 -23.24
N ARG B 197 2.61 6.89 -22.92
CA ARG B 197 3.58 6.51 -21.91
C ARG B 197 3.15 7.21 -20.61
N LEU B 198 2.17 8.13 -20.71
CA LEU B 198 1.71 8.84 -19.52
C LEU B 198 1.02 7.94 -18.51
N PRO B 199 0.25 6.92 -18.97
CA PRO B 199 -0.40 6.05 -17.99
C PRO B 199 0.66 5.37 -17.12
N ALA B 200 1.72 4.89 -17.77
CA ALA B 200 2.81 4.22 -17.06
C ALA B 200 3.47 5.20 -16.08
N LEU B 201 3.73 6.42 -16.53
CA LEU B 201 4.35 7.40 -15.65
C LEU B 201 3.46 7.63 -14.43
N ARG B 202 2.15 7.59 -14.62
CA ARG B 202 1.18 7.80 -13.53
C ARG B 202 1.25 6.70 -12.46
N SER B 203 1.11 5.45 -12.87
CA SER B 203 1.15 4.34 -11.91
C SER B 203 2.53 4.21 -11.27
N ILE B 204 3.59 4.39 -12.05
CA ILE B 204 4.91 4.31 -11.47
C ILE B 204 5.06 5.46 -10.49
N GLY B 205 4.54 6.64 -10.85
CA GLY B 205 4.62 7.77 -9.95
C GLY B 205 3.98 7.47 -8.59
N LEU B 206 2.83 6.83 -8.60
CA LEU B 206 2.13 6.50 -7.36
C LEU B 206 2.88 5.46 -6.52
N LYS B 207 3.42 4.45 -7.19
CA LYS B 207 4.15 3.41 -6.48
C LYS B 207 5.45 3.93 -5.89
N CYS B 208 6.08 4.89 -6.56
CA CYS B 208 7.30 5.45 -6.03
C CYS B 208 6.99 6.15 -4.71
N LEU B 209 5.84 6.83 -4.63
CA LEU B 209 5.47 7.51 -3.40
C LEU B 209 5.25 6.54 -2.24
N GLU B 210 4.43 5.52 -2.45
CA GLU B 210 4.16 4.54 -1.40
C GLU B 210 5.43 3.80 -0.96
N HIS B 211 6.42 3.72 -1.83
CA HIS B 211 7.67 3.02 -1.47
C HIS B 211 8.78 3.93 -0.96
N LEU B 212 8.51 5.22 -0.87
CA LEU B 212 9.52 6.17 -0.40
C LEU B 212 10.74 6.05 -1.30
N PHE B 213 10.48 5.85 -2.58
CA PHE B 213 11.51 5.69 -3.59
C PHE B 213 12.53 6.81 -3.54
N PHE B 214 12.06 8.05 -3.58
CA PHE B 214 12.94 9.21 -3.57
C PHE B 214 13.78 9.36 -2.31
N PHE B 215 13.21 9.11 -1.15
CA PHE B 215 13.98 9.26 0.07
C PHE B 215 15.13 8.27 0.06
N LYS B 216 14.86 7.04 -0.35
CA LYS B 216 15.89 6.00 -0.38
C LYS B 216 16.97 6.34 -1.40
N LEU B 217 16.55 6.92 -2.52
CA LEU B 217 17.50 7.26 -3.57
C LEU B 217 18.58 8.26 -3.10
N ILE B 218 18.19 9.25 -2.30
CA ILE B 218 19.16 10.21 -1.82
C ILE B 218 19.53 10.09 -0.35
N GLY B 219 18.78 9.29 0.41
CA GLY B 219 19.04 9.16 1.83
C GLY B 219 19.67 7.88 2.34
N ASP B 220 19.45 6.77 1.64
CA ASP B 220 20.00 5.50 2.08
C ASP B 220 21.51 5.46 2.32
N THR B 221 22.29 6.01 1.40
CA THR B 221 23.74 5.99 1.56
C THR B 221 24.27 6.90 2.68
N PRO B 222 23.77 8.16 2.77
CA PRO B 222 24.26 9.04 3.84
C PRO B 222 23.86 8.54 5.22
N ILE B 223 22.76 7.80 5.29
CA ILE B 223 22.29 7.28 6.56
C ILE B 223 23.16 6.11 7.03
N ASP B 224 23.43 5.16 6.14
CA ASP B 224 24.25 4.01 6.51
C ASP B 224 25.65 4.49 6.86
N THR B 225 26.15 5.47 6.14
CA THR B 225 27.48 6.01 6.41
C THR B 225 27.49 6.58 7.83
N PHE B 226 26.48 7.39 8.14
CA PHE B 226 26.36 7.97 9.47
C PHE B 226 26.24 6.86 10.51
N LEU B 227 25.41 5.85 10.21
CA LEU B 227 25.21 4.73 11.12
C LEU B 227 26.50 3.95 11.36
N MET B 228 27.10 3.46 10.29
CA MET B 228 28.32 2.68 10.41
C MET B 228 29.43 3.42 11.15
N GLU B 229 29.52 4.73 10.96
CA GLU B 229 30.56 5.51 11.63
C GLU B 229 30.32 5.65 13.12
N MET B 230 29.12 6.03 13.51
CA MET B 230 28.78 6.20 14.92
C MET B 230 28.78 4.87 15.68
N LEU B 231 28.42 3.79 15.01
CA LEU B 231 28.36 2.49 15.65
C LEU B 231 29.72 1.94 16.09
N GLU B 232 30.74 2.11 15.25
CA GLU B 232 32.06 1.61 15.59
C GLU B 232 32.90 2.63 16.34
N ALA B 233 32.38 3.86 16.44
CA ALA B 233 33.07 4.96 17.11
C ALA B 233 33.28 4.76 18.61
N PRO B 234 34.06 5.65 19.23
CA PRO B 234 34.31 5.55 20.67
C PRO B 234 33.02 5.75 21.49
N HIS B 235 32.72 4.76 22.33
CA HIS B 235 31.53 4.76 23.20
C HIS B 235 31.42 6.09 23.96
N PRO C 7 -9.64 -23.72 31.12
CA PRO C 7 -9.38 -25.00 30.46
C PRO C 7 -8.83 -24.81 29.04
N VAL C 8 -7.57 -25.19 28.85
CA VAL C 8 -6.92 -25.08 27.56
C VAL C 8 -7.37 -26.25 26.67
N GLU C 9 -8.00 -27.25 27.30
CA GLU C 9 -8.48 -28.42 26.56
C GLU C 9 -9.77 -28.13 25.82
N ARG C 10 -10.56 -27.19 26.35
CA ARG C 10 -11.83 -26.81 25.73
C ARG C 10 -11.53 -26.00 24.46
N ILE C 11 -10.35 -25.40 24.43
CA ILE C 11 -9.91 -24.61 23.28
C ILE C 11 -9.28 -25.56 22.28
N LEU C 12 -8.59 -26.58 22.81
CA LEU C 12 -7.95 -27.57 21.97
C LEU C 12 -9.01 -28.34 21.19
N GLU C 13 -10.15 -28.59 21.85
CA GLU C 13 -11.26 -29.31 21.24
C GLU C 13 -11.90 -28.47 20.13
N ALA C 14 -12.07 -27.18 20.40
CA ALA C 14 -12.66 -26.28 19.41
C ALA C 14 -11.78 -26.27 18.17
N GLU C 15 -10.50 -26.55 18.38
CA GLU C 15 -9.52 -26.57 17.29
C GLU C 15 -9.70 -27.77 16.37
N LEU C 16 -9.80 -28.95 16.97
CA LEU C 16 -9.96 -30.19 16.20
C LEU C 16 -11.30 -30.28 15.48
N ALA C 17 -12.40 -30.09 16.21
CA ALA C 17 -13.72 -30.16 15.63
C ALA C 17 -13.83 -29.44 14.28
N VAL C 18 -13.44 -28.16 14.28
CA VAL C 18 -13.50 -27.35 13.07
C VAL C 18 -12.46 -27.69 12.02
N GLU C 19 -11.72 -28.77 12.23
CA GLU C 19 -10.69 -29.18 11.27
C GLU C 19 -11.22 -30.21 10.29
N PRO C 20 -10.67 -30.21 9.08
CA PRO C 20 -11.08 -31.15 8.04
C PRO C 20 -11.01 -32.59 8.56
N LYS C 21 -11.81 -33.48 7.96
CA LYS C 21 -11.84 -34.87 8.37
C LYS C 21 -11.12 -35.74 7.35
N THR C 22 -10.10 -35.19 6.72
CA THR C 22 -9.31 -35.89 5.71
C THR C 22 -10.20 -36.39 4.58
N GLU C 23 -11.49 -36.07 4.67
CA GLU C 23 -12.42 -36.47 3.63
C GLU C 23 -12.61 -35.26 2.76
N THR C 24 -12.05 -34.16 3.24
CA THR C 24 -12.09 -32.89 2.53
C THR C 24 -10.68 -32.65 2.03
N TYR C 25 -9.72 -33.02 2.87
CA TYR C 25 -8.31 -32.89 2.56
C TYR C 25 -8.11 -33.63 1.24
N VAL C 26 -8.36 -34.95 1.26
CA VAL C 26 -8.25 -35.75 0.06
C VAL C 26 -9.01 -35.04 -1.03
N GLU C 27 -10.26 -34.70 -0.72
CA GLU C 27 -11.16 -34.00 -1.63
C GLU C 27 -10.52 -32.84 -2.39
N ALA C 28 -9.27 -32.52 -2.10
CA ALA C 28 -8.62 -31.43 -2.81
C ALA C 28 -7.12 -31.58 -3.04
N ASN C 29 -6.34 -31.87 -1.99
CA ASN C 29 -4.91 -32.06 -2.18
C ASN C 29 -4.85 -33.31 -3.04
N MET C 30 -5.99 -33.98 -3.10
CA MET C 30 -6.18 -35.19 -3.85
C MET C 30 -7.47 -35.03 -4.63
N GLY C 31 -8.07 -33.85 -4.49
CA GLY C 31 -9.33 -33.53 -5.15
C GLY C 31 -10.43 -34.48 -4.75
N LEU C 32 -11.64 -34.25 -5.26
CA LEU C 32 -12.84 -35.08 -5.03
C LEU C 32 -14.09 -34.23 -5.10
N ASN C 33 -14.07 -33.21 -5.95
CA ASN C 33 -15.20 -32.30 -6.10
C ASN C 33 -16.41 -32.88 -6.82
N PRO C 34 -17.34 -33.46 -6.06
CA PRO C 34 -18.56 -34.02 -6.63
C PRO C 34 -19.45 -32.86 -7.07
N SER C 35 -18.81 -31.79 -7.54
CA SER C 35 -19.53 -30.60 -7.98
C SER C 35 -19.07 -30.08 -9.33
N SER C 36 -17.78 -30.25 -9.63
CA SER C 36 -17.22 -29.79 -10.89
C SER C 36 -17.36 -28.28 -10.98
N PRO C 37 -16.24 -27.56 -10.94
CA PRO C 37 -16.25 -26.10 -11.01
C PRO C 37 -16.82 -25.58 -12.32
N ASN C 38 -17.61 -24.52 -12.24
CA ASN C 38 -18.22 -23.95 -13.43
C ASN C 38 -18.18 -22.41 -13.49
N ASP C 39 -18.86 -21.75 -12.56
CA ASP C 39 -18.84 -20.27 -12.51
C ASP C 39 -17.68 -19.85 -11.62
N PRO C 40 -17.00 -18.75 -11.96
CA PRO C 40 -15.88 -18.37 -11.10
C PRO C 40 -16.15 -17.54 -9.83
N VAL C 41 -16.52 -16.27 -9.97
CA VAL C 41 -16.75 -15.44 -8.79
C VAL C 41 -17.72 -16.05 -7.78
N THR C 42 -18.69 -16.83 -8.26
CA THR C 42 -19.64 -17.46 -7.36
C THR C 42 -18.95 -18.59 -6.61
N ASN C 43 -18.11 -19.36 -7.30
CA ASN C 43 -17.39 -20.46 -6.67
C ASN C 43 -16.42 -19.93 -5.63
N ILE C 44 -15.86 -18.75 -5.89
CA ILE C 44 -14.92 -18.14 -4.96
C ILE C 44 -15.62 -17.73 -3.67
N CYS C 45 -16.78 -17.08 -3.80
CA CYS C 45 -17.52 -16.65 -2.63
C CYS C 45 -17.96 -17.84 -1.79
N GLN C 46 -18.39 -18.92 -2.44
CA GLN C 46 -18.81 -20.11 -1.72
C GLN C 46 -17.64 -20.62 -0.87
N ALA C 47 -16.44 -20.59 -1.44
CA ALA C 47 -15.24 -21.03 -0.74
C ALA C 47 -15.00 -20.10 0.45
N ALA C 48 -15.22 -18.80 0.25
CA ALA C 48 -15.05 -17.80 1.30
C ALA C 48 -16.11 -18.01 2.37
N ASP C 49 -17.36 -18.18 1.93
CA ASP C 49 -18.49 -18.41 2.84
C ASP C 49 -18.19 -19.64 3.68
N LYS C 50 -17.59 -20.64 3.06
CA LYS C 50 -17.24 -21.88 3.73
C LYS C 50 -16.25 -21.64 4.88
N GLN C 51 -15.07 -21.12 4.55
CA GLN C 51 -14.05 -20.85 5.56
C GLN C 51 -14.55 -19.88 6.61
N LEU C 52 -15.35 -18.91 6.19
CA LEU C 52 -15.89 -17.93 7.12
C LEU C 52 -16.77 -18.59 8.17
N PHE C 53 -17.68 -19.45 7.72
CA PHE C 53 -18.57 -20.15 8.63
C PHE C 53 -17.78 -21.04 9.59
N THR C 54 -16.72 -21.68 9.10
CA THR C 54 -15.94 -22.55 9.94
C THR C 54 -15.19 -21.75 11.01
N LEU C 55 -14.99 -20.46 10.75
CA LEU C 55 -14.32 -19.59 11.70
C LEU C 55 -15.33 -19.27 12.79
N VAL C 56 -16.57 -19.04 12.37
CA VAL C 56 -17.64 -18.72 13.30
C VAL C 56 -17.95 -19.93 14.17
N GLU C 57 -17.87 -21.13 13.58
CA GLU C 57 -18.11 -22.37 14.31
C GLU C 57 -17.09 -22.51 15.41
N TRP C 58 -15.83 -22.24 15.03
CA TRP C 58 -14.71 -22.33 15.96
C TRP C 58 -14.87 -21.36 17.13
N ALA C 59 -15.20 -20.10 16.81
CA ALA C 59 -15.37 -19.06 17.82
C ALA C 59 -16.45 -19.40 18.84
N LYS C 60 -17.56 -19.98 18.36
CA LYS C 60 -18.66 -20.34 19.27
C LYS C 60 -18.22 -21.38 20.28
N ARG C 61 -17.28 -22.24 19.90
CA ARG C 61 -16.81 -23.29 20.79
C ARG C 61 -15.72 -22.80 21.75
N ILE C 62 -15.36 -21.52 21.67
CA ILE C 62 -14.35 -20.95 22.55
C ILE C 62 -15.10 -20.50 23.80
N PRO C 63 -14.74 -21.04 24.97
CA PRO C 63 -15.43 -20.66 26.21
C PRO C 63 -15.63 -19.17 26.36
N HIS C 64 -16.84 -18.78 26.77
CA HIS C 64 -17.19 -17.37 27.00
C HIS C 64 -17.41 -16.48 25.79
N PHE C 65 -16.88 -16.84 24.62
CA PHE C 65 -17.09 -16.01 23.44
C PHE C 65 -18.58 -15.68 23.25
N SER C 66 -19.40 -16.73 23.20
CA SER C 66 -20.85 -16.55 22.99
C SER C 66 -21.56 -15.87 24.16
N GLU C 67 -20.85 -15.62 25.24
CA GLU C 67 -21.43 -14.95 26.41
C GLU C 67 -21.34 -13.42 26.28
N LEU C 68 -20.46 -12.95 25.39
CA LEU C 68 -20.29 -11.52 25.17
C LEU C 68 -21.45 -10.99 24.35
N PRO C 69 -21.72 -9.66 24.41
CA PRO C 69 -22.81 -9.08 23.65
C PRO C 69 -22.69 -9.41 22.17
N LEU C 70 -23.81 -9.71 21.53
CA LEU C 70 -23.82 -10.05 20.11
C LEU C 70 -23.05 -9.08 19.20
N ASP C 71 -23.28 -7.79 19.34
CA ASP C 71 -22.59 -6.84 18.49
C ASP C 71 -21.08 -6.80 18.74
N ASP C 72 -20.64 -7.22 19.92
CA ASP C 72 -19.22 -7.25 20.23
C ASP C 72 -18.59 -8.49 19.60
N GLN C 73 -19.38 -9.56 19.47
CA GLN C 73 -18.88 -10.79 18.88
C GLN C 73 -18.57 -10.53 17.42
N VAL C 74 -19.43 -9.73 16.79
CA VAL C 74 -19.27 -9.37 15.38
C VAL C 74 -18.03 -8.51 15.21
N ILE C 75 -17.84 -7.57 16.15
CA ILE C 75 -16.69 -6.68 16.13
C ILE C 75 -15.40 -7.50 16.21
N LEU C 76 -15.31 -8.39 17.19
CA LEU C 76 -14.11 -9.22 17.37
C LEU C 76 -13.87 -10.10 16.16
N LEU C 77 -14.94 -10.55 15.52
CA LEU C 77 -14.83 -11.40 14.35
C LEU C 77 -14.30 -10.60 13.15
N ARG C 78 -14.88 -9.43 12.92
CA ARG C 78 -14.44 -8.59 11.82
C ARG C 78 -13.01 -8.10 12.05
N ALA C 79 -12.60 -8.04 13.31
CA ALA C 79 -11.25 -7.57 13.62
C ALA C 79 -10.21 -8.68 13.52
N GLY C 80 -10.59 -9.93 13.79
CA GLY C 80 -9.58 -10.97 13.75
C GLY C 80 -9.59 -12.04 12.67
N TRP C 81 -10.66 -12.11 11.88
CA TRP C 81 -10.77 -13.16 10.87
C TRP C 81 -9.51 -13.34 10.03
N ASN C 82 -8.95 -12.22 9.60
CA ASN C 82 -7.75 -12.21 8.79
C ASN C 82 -6.58 -12.97 9.43
N GLU C 83 -6.17 -12.56 10.62
CA GLU C 83 -5.07 -13.23 11.32
C GLU C 83 -5.44 -14.65 11.74
N LEU C 84 -6.70 -14.88 12.10
CA LEU C 84 -7.12 -16.20 12.54
C LEU C 84 -6.93 -17.26 11.44
N LEU C 85 -7.28 -16.90 10.21
CA LEU C 85 -7.15 -17.81 9.09
C LEU C 85 -5.69 -18.01 8.72
N ILE C 86 -4.90 -16.94 8.80
CA ILE C 86 -3.48 -17.04 8.48
C ILE C 86 -2.78 -17.92 9.51
N ALA C 87 -3.19 -17.81 10.77
CA ALA C 87 -2.57 -18.60 11.82
C ALA C 87 -2.89 -20.08 11.59
N SER C 88 -4.10 -20.35 11.13
CA SER C 88 -4.52 -21.71 10.88
C SER C 88 -3.75 -22.41 9.76
N PHE C 89 -3.64 -21.80 8.59
CA PHE C 89 -2.94 -22.46 7.50
C PHE C 89 -1.42 -22.40 7.59
N SER C 90 -0.90 -21.46 8.38
CA SER C 90 0.54 -21.35 8.56
C SER C 90 1.00 -22.54 9.38
N HIS C 91 0.20 -22.90 10.37
CA HIS C 91 0.52 -24.01 11.24
C HIS C 91 0.30 -25.34 10.52
N ARG C 92 -0.82 -25.43 9.80
CA ARG C 92 -1.12 -26.64 9.04
C ARG C 92 -0.05 -26.87 7.98
N SER C 93 0.56 -25.79 7.51
CA SER C 93 1.59 -25.87 6.49
C SER C 93 2.93 -26.36 7.02
N ILE C 94 2.98 -26.75 8.28
CA ILE C 94 4.20 -27.27 8.88
C ILE C 94 4.51 -28.66 8.29
N ALA C 95 3.45 -29.40 7.96
CA ALA C 95 3.58 -30.73 7.39
C ALA C 95 4.33 -30.75 6.05
N VAL C 96 4.19 -29.67 5.27
CA VAL C 96 4.85 -29.61 3.96
C VAL C 96 6.18 -28.85 4.03
N LYS C 97 7.00 -29.02 2.99
CA LYS C 97 8.32 -28.40 2.96
C LYS C 97 8.48 -27.01 2.35
N ASP C 98 7.67 -26.64 1.36
CA ASP C 98 7.86 -25.33 0.75
C ASP C 98 6.65 -24.55 0.24
N GLY C 99 5.48 -24.78 0.81
CA GLY C 99 4.32 -24.03 0.35
C GLY C 99 3.34 -23.85 1.48
N ILE C 100 2.10 -23.48 1.16
CA ILE C 100 1.10 -23.34 2.19
C ILE C 100 -0.04 -24.30 1.88
N LEU C 101 -0.42 -25.08 2.88
CA LEU C 101 -1.49 -26.05 2.68
C LEU C 101 -2.82 -25.44 3.10
N LEU C 102 -3.72 -25.27 2.15
CA LEU C 102 -5.02 -24.69 2.41
C LEU C 102 -5.97 -25.71 3.05
N ALA C 103 -7.07 -25.23 3.60
CA ALA C 103 -8.05 -26.09 4.26
C ALA C 103 -8.69 -27.03 3.27
N THR C 104 -9.05 -26.46 2.12
CA THR C 104 -9.68 -27.23 1.08
C THR C 104 -8.69 -28.20 0.51
N GLY C 105 -7.78 -28.67 1.34
CA GLY C 105 -6.78 -29.63 0.90
C GLY C 105 -5.80 -29.14 -0.15
N LEU C 106 -6.22 -28.17 -0.97
CA LEU C 106 -5.35 -27.64 -2.02
C LEU C 106 -3.99 -27.20 -1.52
N HIS C 107 -2.94 -27.63 -2.21
CA HIS C 107 -1.59 -27.24 -1.84
C HIS C 107 -1.07 -26.22 -2.84
N VAL C 108 -0.73 -25.04 -2.33
CA VAL C 108 -0.20 -23.97 -3.17
C VAL C 108 1.29 -23.76 -2.91
N HIS C 109 2.11 -24.19 -3.85
CA HIS C 109 3.57 -24.07 -3.76
C HIS C 109 4.01 -22.61 -3.75
N ARG C 110 5.32 -22.38 -3.81
CA ARG C 110 5.86 -21.02 -3.78
C ARG C 110 6.03 -20.36 -5.15
N ASN C 111 6.89 -20.92 -5.97
CA ASN C 111 7.13 -20.37 -7.30
C ASN C 111 5.81 -20.34 -8.07
N SER C 112 5.02 -21.38 -7.88
CA SER C 112 3.73 -21.51 -8.55
C SER C 112 2.73 -20.54 -7.92
N ALA C 113 2.85 -20.32 -6.61
CA ALA C 113 1.96 -19.39 -5.92
C ALA C 113 2.33 -17.98 -6.29
N HIS C 114 3.61 -17.66 -6.14
CA HIS C 114 4.12 -16.33 -6.45
C HIS C 114 3.51 -15.85 -7.76
N SER C 115 3.09 -16.81 -8.59
CA SER C 115 2.48 -16.54 -9.90
C SER C 115 2.74 -15.11 -10.34
N ALA C 116 3.99 -14.69 -10.22
CA ALA C 116 4.40 -13.33 -10.57
C ALA C 116 3.46 -12.28 -9.95
N GLY C 117 3.09 -12.47 -8.68
CA GLY C 117 2.20 -11.52 -8.06
C GLY C 117 2.24 -11.29 -6.56
N VAL C 118 2.41 -12.34 -5.76
CA VAL C 118 2.44 -12.18 -4.30
C VAL C 118 3.50 -12.98 -3.55
N GLY C 119 4.58 -13.34 -4.23
CA GLY C 119 5.64 -14.09 -3.60
C GLY C 119 6.28 -13.41 -2.41
N ALA C 120 6.19 -12.10 -2.36
CA ALA C 120 6.78 -11.33 -1.25
C ALA C 120 6.21 -11.71 0.10
N ILE C 121 4.91 -11.48 0.29
CA ILE C 121 4.28 -11.80 1.56
C ILE C 121 4.21 -13.32 1.73
N PHE C 122 4.32 -14.04 0.62
CA PHE C 122 4.29 -15.50 0.66
C PHE C 122 5.54 -15.98 1.40
N ASP C 123 6.69 -15.42 1.05
CA ASP C 123 7.93 -15.81 1.72
C ASP C 123 7.95 -15.38 3.19
N ARG C 124 7.20 -14.32 3.50
CA ARG C 124 7.11 -13.83 4.87
C ARG C 124 6.38 -14.85 5.73
N VAL C 125 5.34 -15.46 5.15
CA VAL C 125 4.54 -16.46 5.84
C VAL C 125 5.40 -17.68 6.15
N LEU C 126 6.27 -18.06 5.21
CA LEU C 126 7.15 -19.21 5.40
C LEU C 126 8.25 -18.98 6.43
N THR C 127 8.90 -17.82 6.36
CA THR C 127 10.01 -17.52 7.27
C THR C 127 9.59 -17.05 8.66
N GLU C 128 8.61 -16.16 8.74
CA GLU C 128 8.17 -15.61 10.02
C GLU C 128 7.14 -16.44 10.79
N LEU C 129 6.30 -17.18 10.07
CA LEU C 129 5.30 -17.99 10.73
C LEU C 129 5.53 -19.48 10.60
N VAL C 130 5.42 -20.01 9.38
CA VAL C 130 5.58 -21.44 9.16
C VAL C 130 6.91 -22.02 9.64
N SER C 131 8.01 -21.39 9.25
CA SER C 131 9.35 -21.86 9.63
C SER C 131 9.54 -21.87 11.15
N LYS C 132 9.11 -20.80 11.81
CA LYS C 132 9.25 -20.69 13.27
C LYS C 132 8.37 -21.69 14.02
N MET C 133 7.16 -21.91 13.53
CA MET C 133 6.23 -22.84 14.18
C MET C 133 6.80 -24.26 14.13
N ARG C 134 7.46 -24.59 13.02
CA ARG C 134 8.04 -25.91 12.84
C ARG C 134 9.26 -26.15 13.72
N ASP C 135 10.17 -25.17 13.75
CA ASP C 135 11.39 -25.29 14.54
C ASP C 135 11.12 -25.43 16.03
N MET C 136 10.12 -24.72 16.54
CA MET C 136 9.81 -24.81 17.96
C MET C 136 8.78 -25.92 18.19
N GLN C 137 8.18 -26.39 17.10
CA GLN C 137 7.19 -27.46 17.16
C GLN C 137 5.98 -27.17 18.03
N MET C 138 5.37 -26.00 17.84
CA MET C 138 4.20 -25.66 18.62
C MET C 138 3.07 -26.61 18.25
N ASP C 139 2.33 -27.06 19.26
CA ASP C 139 1.22 -27.98 19.04
C ASP C 139 -0.09 -27.27 18.77
N LYS C 140 -1.13 -28.06 18.51
CA LYS C 140 -2.45 -27.52 18.22
C LYS C 140 -3.05 -26.82 19.43
N THR C 141 -2.66 -27.24 20.62
CA THR C 141 -3.16 -26.62 21.83
C THR C 141 -2.63 -25.19 21.94
N GLU C 142 -1.33 -25.02 21.68
CA GLU C 142 -0.71 -23.71 21.74
C GLU C 142 -1.26 -22.85 20.61
N LEU C 143 -1.38 -23.43 19.42
CA LEU C 143 -1.93 -22.73 18.27
C LEU C 143 -3.34 -22.27 18.62
N GLY C 144 -4.08 -23.17 19.25
CA GLY C 144 -5.44 -22.85 19.64
C GLY C 144 -5.52 -21.67 20.58
N CYS C 145 -4.67 -21.68 21.60
CA CYS C 145 -4.66 -20.60 22.59
C CYS C 145 -4.26 -19.26 21.96
N LEU C 146 -3.31 -19.31 21.03
CA LEU C 146 -2.85 -18.12 20.33
C LEU C 146 -4.00 -17.52 19.50
N ARG C 147 -4.77 -18.38 18.82
CA ARG C 147 -5.90 -17.87 18.03
C ARG C 147 -6.98 -17.33 18.97
N ALA C 148 -7.15 -17.96 20.14
CA ALA C 148 -8.16 -17.49 21.10
C ALA C 148 -7.74 -16.12 21.61
N ILE C 149 -6.44 -15.94 21.82
CA ILE C 149 -5.92 -14.66 22.27
C ILE C 149 -6.22 -13.62 21.18
N VAL C 150 -5.92 -13.97 19.94
CA VAL C 150 -6.19 -13.10 18.79
C VAL C 150 -7.69 -12.77 18.71
N LEU C 151 -8.54 -13.77 18.91
CA LEU C 151 -9.98 -13.53 18.86
C LEU C 151 -10.40 -12.52 19.91
N PHE C 152 -9.90 -12.71 21.13
CA PHE C 152 -10.22 -11.81 22.24
C PHE C 152 -9.30 -10.57 22.22
N ASN C 153 -9.43 -9.75 21.18
CA ASN C 153 -8.64 -8.54 20.98
C ASN C 153 -9.33 -7.33 21.61
N PRO C 154 -8.85 -6.89 22.79
CA PRO C 154 -9.44 -5.74 23.48
C PRO C 154 -9.24 -4.38 22.79
N ASP C 155 -8.43 -4.33 21.74
CA ASP C 155 -8.18 -3.09 21.02
C ASP C 155 -9.15 -2.88 19.87
N SER C 156 -9.98 -3.90 19.60
CA SER C 156 -10.94 -3.81 18.51
C SER C 156 -11.78 -2.55 18.65
N LYS C 157 -11.72 -1.71 17.63
CA LYS C 157 -12.44 -0.45 17.62
C LYS C 157 -13.95 -0.63 17.76
N GLY C 158 -14.56 0.15 18.65
CA GLY C 158 -16.00 0.07 18.82
C GLY C 158 -16.55 -0.87 19.88
N LEU C 159 -15.68 -1.64 20.54
CA LEU C 159 -16.11 -2.57 21.57
C LEU C 159 -16.88 -1.88 22.69
N SER C 160 -17.98 -2.48 23.13
CA SER C 160 -18.78 -1.90 24.19
C SER C 160 -18.11 -2.08 25.55
N ASN C 161 -17.38 -3.17 25.72
CA ASN C 161 -16.72 -3.48 26.99
C ASN C 161 -15.36 -4.13 26.78
N PRO C 162 -14.32 -3.32 26.47
CA PRO C 162 -12.98 -3.85 26.24
C PRO C 162 -12.42 -4.61 27.44
N ALA C 163 -12.78 -4.15 28.63
CA ALA C 163 -12.31 -4.76 29.87
C ALA C 163 -12.69 -6.22 30.02
N GLU C 164 -13.86 -6.59 29.50
CA GLU C 164 -14.30 -7.97 29.60
C GLU C 164 -13.59 -8.85 28.57
N VAL C 165 -13.24 -8.26 27.43
CA VAL C 165 -12.53 -8.99 26.39
C VAL C 165 -11.11 -9.23 26.90
N GLU C 166 -10.54 -8.21 27.53
CA GLU C 166 -9.20 -8.29 28.09
C GLU C 166 -9.14 -9.37 29.17
N ALA C 167 -10.18 -9.42 29.99
CA ALA C 167 -10.27 -10.41 31.06
C ALA C 167 -10.28 -11.82 30.46
N LEU C 168 -11.06 -12.00 29.40
CA LEU C 168 -11.15 -13.31 28.75
C LEU C 168 -9.81 -13.66 28.11
N ARG C 169 -9.14 -12.65 27.57
CA ARG C 169 -7.84 -12.85 26.95
C ARG C 169 -6.83 -13.33 27.99
N GLU C 170 -6.87 -12.70 29.17
CA GLU C 170 -5.96 -13.05 30.26
C GLU C 170 -6.15 -14.48 30.75
N LYS C 171 -7.41 -14.91 30.89
CA LYS C 171 -7.67 -16.27 31.34
C LYS C 171 -7.05 -17.23 30.34
N VAL C 172 -7.10 -16.88 29.06
CA VAL C 172 -6.52 -17.75 28.04
C VAL C 172 -5.00 -17.84 28.10
N TYR C 173 -4.28 -16.72 28.11
CA TYR C 173 -2.83 -16.88 28.13
C TYR C 173 -2.28 -17.33 29.48
N ALA C 174 -3.09 -17.19 30.54
CA ALA C 174 -2.67 -17.66 31.86
C ALA C 174 -2.68 -19.19 31.80
N SER C 175 -3.71 -19.72 31.15
CA SER C 175 -3.85 -21.17 31.00
C SER C 175 -2.81 -21.67 30.01
N LEU C 176 -2.50 -20.85 29.01
CA LEU C 176 -1.49 -21.22 28.03
C LEU C 176 -0.13 -21.29 28.71
N GLU C 177 0.12 -20.35 29.61
CA GLU C 177 1.39 -20.34 30.31
C GLU C 177 1.50 -21.57 31.21
N ALA C 178 0.43 -21.87 31.94
CA ALA C 178 0.44 -23.02 32.83
C ALA C 178 0.68 -24.27 31.97
N TYR C 179 -0.03 -24.37 30.85
CA TYR C 179 0.10 -25.49 29.93
C TYR C 179 1.54 -25.68 29.46
N CYS C 180 2.16 -24.59 29.02
CA CYS C 180 3.53 -24.63 28.52
C CYS C 180 4.52 -25.06 29.59
N LYS C 181 4.38 -24.51 30.79
CA LYS C 181 5.31 -24.85 31.87
C LYS C 181 5.15 -26.28 32.39
N HIS C 182 4.00 -26.90 32.12
CA HIS C 182 3.75 -28.26 32.57
C HIS C 182 4.14 -29.27 31.48
N LYS C 183 3.81 -28.96 30.23
CA LYS C 183 4.10 -29.83 29.10
C LYS C 183 5.57 -29.82 28.68
N TYR C 184 6.16 -28.64 28.67
CA TYR C 184 7.56 -28.48 28.28
C TYR C 184 8.35 -27.89 29.45
N PRO C 185 8.54 -28.69 30.52
CA PRO C 185 9.26 -28.26 31.72
C PRO C 185 10.59 -27.53 31.50
N GLU C 186 11.35 -27.99 30.51
CA GLU C 186 12.67 -27.43 30.24
C GLU C 186 12.72 -26.27 29.24
N GLN C 187 11.62 -25.56 29.06
CA GLN C 187 11.55 -24.42 28.14
C GLN C 187 10.83 -23.29 28.87
N PRO C 188 11.55 -22.60 29.78
CA PRO C 188 10.95 -21.49 30.54
C PRO C 188 10.49 -20.33 29.69
N GLY C 189 11.20 -20.09 28.59
CA GLY C 189 10.86 -18.99 27.71
C GLY C 189 9.95 -19.34 26.57
N ARG C 190 9.39 -20.54 26.60
CA ARG C 190 8.50 -20.99 25.54
C ARG C 190 7.19 -20.19 25.44
N PHE C 191 6.58 -19.90 26.59
CA PHE C 191 5.33 -19.15 26.61
C PHE C 191 5.52 -17.78 25.94
N ALA C 192 6.58 -17.09 26.31
CA ALA C 192 6.88 -15.79 25.75
C ALA C 192 7.19 -15.89 24.27
N LYS C 193 7.90 -16.95 23.89
CA LYS C 193 8.27 -17.13 22.49
C LYS C 193 7.00 -17.31 21.66
N LEU C 194 5.98 -17.96 22.23
CA LEU C 194 4.71 -18.14 21.55
C LEU C 194 4.05 -16.78 21.33
N LEU C 195 3.98 -15.98 22.39
CA LEU C 195 3.39 -14.65 22.32
C LEU C 195 4.12 -13.71 21.38
N LEU C 196 5.43 -13.93 21.23
CA LEU C 196 6.23 -13.07 20.36
C LEU C 196 6.10 -13.33 18.87
N ARG C 197 5.17 -14.21 18.49
CA ARG C 197 4.93 -14.45 17.07
C ARG C 197 3.74 -13.58 16.67
N LEU C 198 3.03 -13.04 17.66
CA LEU C 198 1.86 -12.22 17.36
C LEU C 198 2.18 -10.94 16.57
N PRO C 199 3.35 -10.31 16.82
CA PRO C 199 3.68 -9.10 16.06
C PRO C 199 3.79 -9.43 14.58
N ALA C 200 4.40 -10.57 14.28
CA ALA C 200 4.58 -11.04 12.92
C ALA C 200 3.22 -11.34 12.27
N LEU C 201 2.36 -12.04 13.00
CA LEU C 201 1.03 -12.37 12.51
C LEU C 201 0.27 -11.07 12.22
N ARG C 202 0.46 -10.07 13.08
CA ARG C 202 -0.21 -8.77 12.92
C ARG C 202 0.19 -8.07 11.62
N SER C 203 1.50 -7.97 11.36
CA SER C 203 1.95 -7.31 10.14
C SER C 203 1.67 -8.14 8.89
N ILE C 204 1.83 -9.45 8.98
CA ILE C 204 1.54 -10.31 7.82
C ILE C 204 0.03 -10.19 7.53
N GLY C 205 -0.76 -10.11 8.60
CA GLY C 205 -2.19 -9.97 8.43
C GLY C 205 -2.52 -8.75 7.58
N LEU C 206 -1.87 -7.63 7.89
CA LEU C 206 -2.09 -6.40 7.14
C LEU C 206 -1.63 -6.50 5.68
N LYS C 207 -0.47 -7.09 5.45
CA LYS C 207 0.04 -7.23 4.08
C LYS C 207 -0.82 -8.15 3.22
N CYS C 208 -1.44 -9.15 3.85
CA CYS C 208 -2.29 -10.08 3.13
C CYS C 208 -3.57 -9.39 2.68
N LEU C 209 -3.91 -8.29 3.34
CA LEU C 209 -5.11 -7.54 2.98
C LEU C 209 -4.91 -6.64 1.78
N GLU C 210 -3.72 -6.05 1.66
CA GLU C 210 -3.44 -5.16 0.55
C GLU C 210 -2.97 -5.89 -0.69
N HIS C 211 -2.92 -7.21 -0.64
CA HIS C 211 -2.51 -7.99 -1.79
C HIS C 211 -3.51 -9.08 -2.10
N LEU C 212 -4.69 -8.96 -1.48
CA LEU C 212 -5.77 -9.91 -1.66
C LEU C 212 -5.23 -11.31 -1.71
N PHE C 213 -4.20 -11.54 -0.90
CA PHE C 213 -3.52 -12.83 -0.82
C PHE C 213 -4.54 -13.96 -0.83
N PHE C 214 -5.58 -13.81 -0.03
CA PHE C 214 -6.64 -14.80 0.10
C PHE C 214 -7.33 -15.01 -1.24
N PHE C 215 -8.03 -13.97 -1.68
CA PHE C 215 -8.75 -14.01 -2.95
C PHE C 215 -7.96 -14.76 -4.02
N LYS C 216 -6.74 -14.30 -4.28
CA LYS C 216 -5.89 -14.92 -5.30
C LYS C 216 -5.61 -16.37 -4.96
N LEU C 217 -5.32 -16.63 -3.69
CA LEU C 217 -5.01 -17.97 -3.24
C LEU C 217 -6.14 -18.96 -3.54
N ILE C 218 -7.38 -18.46 -3.55
CA ILE C 218 -8.54 -19.31 -3.80
C ILE C 218 -9.31 -18.91 -5.05
N GLY C 219 -8.80 -17.94 -5.81
CA GLY C 219 -9.53 -17.51 -6.99
C GLY C 219 -8.87 -17.52 -8.34
N ASP C 220 -7.54 -17.47 -8.42
CA ASP C 220 -6.92 -17.45 -9.73
C ASP C 220 -7.15 -18.73 -10.54
N THR C 221 -7.23 -19.88 -9.87
CA THR C 221 -7.46 -21.13 -10.59
C THR C 221 -8.88 -21.15 -11.17
N PRO C 222 -9.90 -20.91 -10.32
CA PRO C 222 -11.27 -20.92 -10.84
C PRO C 222 -11.42 -19.90 -11.95
N ILE C 223 -10.76 -18.75 -11.79
CA ILE C 223 -10.83 -17.69 -12.76
C ILE C 223 -10.07 -18.04 -14.04
N ASP C 224 -8.90 -18.65 -13.90
CA ASP C 224 -8.11 -19.01 -15.06
C ASP C 224 -8.80 -20.13 -15.84
N THR C 225 -9.49 -21.01 -15.12
CA THR C 225 -10.22 -22.11 -15.73
C THR C 225 -11.36 -21.53 -16.56
N PHE C 226 -12.10 -20.61 -15.93
CA PHE C 226 -13.22 -19.93 -16.58
C PHE C 226 -12.68 -19.30 -17.86
N LEU C 227 -11.65 -18.48 -17.71
CA LEU C 227 -11.03 -17.80 -18.84
C LEU C 227 -10.68 -18.74 -19.98
N MET C 228 -10.13 -19.91 -19.66
CA MET C 228 -9.74 -20.86 -20.71
C MET C 228 -10.90 -21.45 -21.51
N GLU C 229 -12.05 -21.66 -20.89
CA GLU C 229 -13.19 -22.20 -21.64
C GLU C 229 -13.79 -21.08 -22.47
N MET C 230 -13.99 -19.93 -21.85
CA MET C 230 -14.52 -18.77 -22.54
C MET C 230 -13.67 -18.54 -23.78
N LEU C 231 -12.38 -18.28 -23.57
CA LEU C 231 -11.47 -18.04 -24.68
C LEU C 231 -11.21 -19.32 -25.45
N GLU C 232 -11.41 -20.46 -24.79
CA GLU C 232 -11.18 -21.78 -25.38
C GLU C 232 -9.94 -21.88 -26.25
N PRO D 7 22.23 -7.10 33.27
CA PRO D 7 21.69 -5.95 34.02
C PRO D 7 20.44 -5.35 33.39
N VAL D 8 19.27 -5.70 33.94
CA VAL D 8 18.01 -5.18 33.42
C VAL D 8 18.00 -3.68 33.70
N GLU D 9 19.03 -3.21 34.40
CA GLU D 9 19.16 -1.79 34.72
C GLU D 9 19.90 -1.12 33.57
N ARG D 10 20.86 -1.83 32.99
CA ARG D 10 21.64 -1.30 31.88
C ARG D 10 20.68 -1.01 30.73
N ILE D 11 19.47 -1.55 30.84
CA ILE D 11 18.43 -1.33 29.85
C ILE D 11 17.69 -0.08 30.32
N LEU D 12 17.18 -0.12 31.55
CA LEU D 12 16.47 1.02 32.12
C LEU D 12 17.38 2.24 32.17
N GLU D 13 18.66 2.01 32.44
CA GLU D 13 19.63 3.09 32.51
C GLU D 13 19.76 3.73 31.13
N ALA D 14 19.86 2.90 30.10
CA ALA D 14 19.96 3.38 28.73
C ALA D 14 18.71 4.17 28.38
N GLU D 15 17.57 3.69 28.87
CA GLU D 15 16.29 4.33 28.62
C GLU D 15 16.21 5.69 29.32
N LEU D 16 16.63 5.71 30.58
CA LEU D 16 16.62 6.94 31.36
C LEU D 16 17.70 7.92 30.92
N ALA D 17 18.78 7.37 30.38
CA ALA D 17 19.91 8.18 29.92
C ALA D 17 19.67 8.76 28.53
N VAL D 18 18.45 8.60 28.01
CA VAL D 18 18.12 9.14 26.69
C VAL D 18 16.82 9.94 26.72
N GLU D 19 16.05 9.75 27.78
CA GLU D 19 14.78 10.45 27.96
C GLU D 19 14.96 11.96 27.91
N PRO D 20 14.00 12.66 27.30
CA PRO D 20 14.05 14.10 27.19
C PRO D 20 13.96 14.77 28.56
N LYS D 21 14.79 15.78 28.77
CA LYS D 21 14.83 16.50 30.05
C LYS D 21 13.53 17.22 30.37
N THR D 22 13.64 18.35 31.05
CA THR D 22 12.49 19.15 31.42
C THR D 22 12.74 20.57 30.92
N GLU D 23 13.85 20.75 30.24
CA GLU D 23 14.23 22.05 29.69
C GLU D 23 13.81 22.16 28.22
N THR D 24 13.53 21.00 27.64
CA THR D 24 13.08 20.91 26.25
C THR D 24 11.56 20.82 26.29
N TYR D 25 11.03 20.51 27.47
CA TYR D 25 9.59 20.41 27.66
C TYR D 25 9.14 21.83 27.94
N VAL D 26 9.89 22.50 28.83
CA VAL D 26 9.61 23.88 29.19
C VAL D 26 9.92 24.79 28.00
N GLU D 27 11.19 25.18 27.88
CA GLU D 27 11.65 26.05 26.79
C GLU D 27 10.75 26.05 25.56
N ALA D 28 10.58 24.87 24.95
CA ALA D 28 9.75 24.73 23.75
C ALA D 28 8.25 25.00 23.97
N ASN D 29 7.76 24.70 25.17
CA ASN D 29 6.36 24.91 25.55
C ASN D 29 5.90 26.36 25.42
N MET D 30 6.77 27.27 25.82
CA MET D 30 6.48 28.70 25.77
C MET D 30 7.22 29.35 24.60
N GLY D 31 8.35 28.76 24.23
CA GLY D 31 9.15 29.29 23.13
C GLY D 31 10.44 29.91 23.62
N LEU D 32 11.01 29.32 24.67
CA LEU D 32 12.26 29.81 25.25
C LEU D 32 13.48 29.08 24.68
N ASN D 33 13.27 28.40 23.56
CA ASN D 33 14.36 27.68 22.90
C ASN D 33 14.85 28.56 21.75
N PRO D 34 15.97 28.19 21.14
CA PRO D 34 16.50 28.96 20.03
C PRO D 34 15.87 28.44 18.74
N SER D 35 16.67 28.38 17.67
CA SER D 35 16.21 27.89 16.38
C SER D 35 15.14 28.78 15.74
N SER D 36 14.76 29.86 16.44
CA SER D 36 13.73 30.79 15.96
C SER D 36 12.81 30.21 14.91
N PRO D 37 11.60 29.83 15.30
CA PRO D 37 10.63 29.27 14.36
C PRO D 37 10.42 30.25 13.21
N ASN D 38 11.22 30.13 12.17
CA ASN D 38 11.12 31.03 11.03
C ASN D 38 11.29 30.23 9.74
N ASP D 39 12.10 29.16 9.83
CA ASP D 39 12.35 28.33 8.67
C ASP D 39 11.82 26.88 8.71
N PRO D 40 10.92 26.54 9.66
CA PRO D 40 10.38 25.15 9.79
C PRO D 40 10.65 24.21 8.62
N VAL D 41 11.90 24.09 8.22
CA VAL D 41 12.36 23.23 7.13
C VAL D 41 13.58 22.70 7.87
N THR D 42 14.08 23.53 8.80
CA THR D 42 15.22 23.15 9.61
C THR D 42 14.71 22.30 10.76
N ASN D 43 13.80 22.88 11.54
CA ASN D 43 13.19 22.23 12.69
C ASN D 43 13.07 20.72 12.55
N ILE D 44 12.20 20.26 11.65
CA ILE D 44 12.00 18.83 11.46
C ILE D 44 13.32 18.10 11.18
N CYS D 45 14.18 18.73 10.38
CA CYS D 45 15.47 18.13 10.03
C CYS D 45 16.39 18.01 11.24
N GLN D 46 16.59 19.12 11.92
CA GLN D 46 17.45 19.17 13.10
C GLN D 46 16.94 18.22 14.18
N ALA D 47 15.64 18.29 14.46
CA ALA D 47 15.03 17.42 15.46
C ALA D 47 15.18 15.97 15.04
N ALA D 48 15.18 15.73 13.73
CA ALA D 48 15.31 14.38 13.19
C ALA D 48 16.70 13.82 13.43
N ASP D 49 17.71 14.63 13.14
CA ASP D 49 19.10 14.21 13.34
C ASP D 49 19.41 13.97 14.81
N LYS D 50 18.84 14.81 15.67
CA LYS D 50 19.05 14.68 17.11
C LYS D 50 18.40 13.38 17.58
N GLN D 51 17.20 13.14 17.09
CA GLN D 51 16.45 11.95 17.45
C GLN D 51 17.22 10.71 16.99
N LEU D 52 17.76 10.75 15.79
CA LEU D 52 18.51 9.60 15.27
C LEU D 52 19.77 9.40 16.09
N PHE D 53 20.47 10.49 16.39
CA PHE D 53 21.69 10.41 17.17
C PHE D 53 21.43 9.74 18.51
N THR D 54 20.43 10.22 19.23
CA THR D 54 20.09 9.67 20.54
C THR D 54 19.62 8.22 20.47
N LEU D 55 18.99 7.84 19.35
CA LEU D 55 18.52 6.47 19.20
C LEU D 55 19.73 5.52 19.11
N VAL D 56 20.74 5.92 18.36
CA VAL D 56 21.93 5.10 18.19
C VAL D 56 22.71 5.00 19.50
N GLU D 57 22.78 6.10 20.27
CA GLU D 57 23.49 6.08 21.54
C GLU D 57 22.82 5.10 22.49
N TRP D 58 21.49 5.11 22.47
CA TRP D 58 20.69 4.25 23.32
C TRP D 58 20.95 2.78 23.02
N ALA D 59 21.02 2.46 21.73
CA ALA D 59 21.26 1.09 21.28
C ALA D 59 22.64 0.58 21.64
N LYS D 60 23.65 1.42 21.48
CA LYS D 60 25.01 1.02 21.81
C LYS D 60 25.14 0.66 23.28
N ARG D 61 24.28 1.24 24.12
CA ARG D 61 24.31 0.95 25.54
C ARG D 61 23.59 -0.35 25.90
N ILE D 62 22.81 -0.89 24.96
CA ILE D 62 22.09 -2.14 25.18
C ILE D 62 23.13 -3.26 25.14
N PRO D 63 23.25 -4.02 26.24
CA PRO D 63 24.24 -5.10 26.30
C PRO D 63 24.16 -6.05 25.11
N HIS D 64 25.32 -6.40 24.58
CA HIS D 64 25.44 -7.33 23.46
C HIS D 64 25.12 -6.79 22.07
N PHE D 65 24.39 -5.68 22.00
CA PHE D 65 24.05 -5.10 20.70
C PHE D 65 25.30 -4.78 19.89
N SER D 66 26.25 -4.05 20.47
CA SER D 66 27.48 -3.68 19.78
C SER D 66 28.37 -4.89 19.45
N GLU D 67 28.10 -6.02 20.08
CA GLU D 67 28.89 -7.23 19.80
C GLU D 67 28.33 -7.95 18.58
N LEU D 68 27.24 -7.42 18.04
CA LEU D 68 26.61 -7.99 16.86
C LEU D 68 27.38 -7.51 15.63
N PRO D 69 27.23 -8.20 14.49
CA PRO D 69 27.99 -7.72 13.33
C PRO D 69 27.52 -6.32 12.92
N LEU D 70 28.43 -5.56 12.32
CA LEU D 70 28.17 -4.20 11.86
C LEU D 70 26.91 -4.10 11.00
N ASP D 71 26.86 -4.91 9.95
CA ASP D 71 25.73 -4.89 9.04
C ASP D 71 24.43 -5.20 9.77
N ASP D 72 24.48 -6.15 10.71
CA ASP D 72 23.29 -6.52 11.46
C ASP D 72 22.80 -5.43 12.40
N GLN D 73 23.73 -4.64 12.94
CA GLN D 73 23.36 -3.55 13.82
C GLN D 73 22.58 -2.51 13.00
N VAL D 74 23.04 -2.26 11.79
CA VAL D 74 22.40 -1.30 10.89
C VAL D 74 21.02 -1.82 10.51
N ILE D 75 20.97 -3.12 10.19
CA ILE D 75 19.71 -3.76 9.83
C ILE D 75 18.66 -3.65 10.93
N LEU D 76 19.05 -3.96 12.17
CA LEU D 76 18.11 -3.90 13.29
C LEU D 76 17.61 -2.49 13.55
N LEU D 77 18.49 -1.50 13.40
CA LEU D 77 18.11 -0.11 13.63
C LEU D 77 17.17 0.38 12.55
N ARG D 78 17.41 -0.04 11.31
CA ARG D 78 16.55 0.37 10.21
C ARG D 78 15.20 -0.30 10.31
N ALA D 79 15.16 -1.49 10.89
CA ALA D 79 13.90 -2.20 11.01
C ALA D 79 13.06 -1.78 12.21
N GLY D 80 13.71 -1.27 13.25
CA GLY D 80 12.93 -0.90 14.42
C GLY D 80 12.84 0.57 14.82
N TRP D 81 13.58 1.44 14.16
CA TRP D 81 13.59 2.87 14.54
C TRP D 81 12.19 3.48 14.68
N ASN D 82 11.32 3.15 13.74
CA ASN D 82 9.94 3.63 13.71
C ASN D 82 9.19 3.27 15.00
N GLU D 83 9.13 1.97 15.32
CA GLU D 83 8.47 1.47 16.52
C GLU D 83 9.16 1.93 17.80
N LEU D 84 10.49 2.02 17.75
CA LEU D 84 11.26 2.46 18.92
C LEU D 84 10.90 3.91 19.26
N LEU D 85 10.69 4.73 18.23
CA LEU D 85 10.33 6.12 18.46
C LEU D 85 8.90 6.25 18.94
N ILE D 86 7.97 5.52 18.31
CA ILE D 86 6.58 5.56 18.71
C ILE D 86 6.42 5.11 20.16
N ALA D 87 7.15 4.07 20.53
CA ALA D 87 7.06 3.55 21.89
C ALA D 87 7.45 4.64 22.90
N SER D 88 8.54 5.34 22.61
CA SER D 88 9.02 6.41 23.49
C SER D 88 8.06 7.56 23.70
N PHE D 89 7.62 8.21 22.63
CA PHE D 89 6.72 9.34 22.78
C PHE D 89 5.37 8.95 23.35
N SER D 90 4.94 7.71 23.11
CA SER D 90 3.66 7.24 23.67
C SER D 90 3.80 7.17 25.19
N HIS D 91 4.96 6.70 25.64
CA HIS D 91 5.22 6.58 27.06
C HIS D 91 5.37 7.96 27.67
N ARG D 92 5.99 8.88 26.94
CA ARG D 92 6.14 10.24 27.45
C ARG D 92 4.79 10.95 27.46
N SER D 93 3.86 10.49 26.64
CA SER D 93 2.52 11.11 26.56
C SER D 93 1.62 10.76 27.72
N ILE D 94 2.07 9.86 28.58
CA ILE D 94 1.28 9.47 29.74
C ILE D 94 1.03 10.71 30.61
N ALA D 95 1.93 11.68 30.51
CA ALA D 95 1.84 12.91 31.29
C ALA D 95 0.80 13.89 30.78
N VAL D 96 0.53 13.87 29.48
CA VAL D 96 -0.45 14.78 28.91
C VAL D 96 -1.87 14.20 29.01
N LYS D 97 -2.86 15.08 29.08
CA LYS D 97 -4.25 14.64 29.19
C LYS D 97 -4.86 14.37 27.82
N ASP D 98 -4.97 13.09 27.47
CA ASP D 98 -5.52 12.68 26.19
C ASP D 98 -4.72 13.14 24.98
N GLY D 99 -3.40 13.08 25.06
CA GLY D 99 -2.62 13.51 23.92
C GLY D 99 -1.20 13.01 23.82
N ILE D 100 -0.49 13.53 22.84
CA ILE D 100 0.89 13.13 22.60
C ILE D 100 1.83 14.27 22.95
N LEU D 101 3.01 13.90 23.44
CA LEU D 101 4.01 14.89 23.83
C LEU D 101 5.20 14.84 22.90
N LEU D 102 5.60 16.01 22.39
CA LEU D 102 6.75 16.08 21.48
C LEU D 102 7.85 17.03 21.96
N ALA D 103 7.47 18.23 22.42
CA ALA D 103 8.40 19.28 22.90
C ALA D 103 7.73 20.52 23.58
N THR D 104 6.84 21.19 22.84
CA THR D 104 6.11 22.41 23.24
C THR D 104 4.82 22.28 24.07
N GLY D 105 4.77 22.91 25.25
CA GLY D 105 3.59 22.87 26.11
C GLY D 105 2.48 21.90 25.77
N LEU D 106 2.65 20.65 26.20
CA LEU D 106 1.71 19.54 25.94
C LEU D 106 1.78 19.55 24.42
N HIS D 107 0.94 18.92 23.64
CA HIS D 107 1.24 19.14 22.23
C HIS D 107 0.15 19.18 21.23
N VAL D 108 -0.05 18.02 20.64
CA VAL D 108 -1.02 17.83 19.60
C VAL D 108 -2.20 17.11 20.18
N HIS D 109 -3.37 17.66 19.88
CA HIS D 109 -4.64 17.09 20.32
C HIS D 109 -5.31 16.48 19.11
N ARG D 110 -6.46 15.85 19.35
CA ARG D 110 -7.20 15.19 18.27
C ARG D 110 -7.50 16.13 17.10
N ASN D 111 -8.07 17.29 17.39
CA ASN D 111 -8.38 18.29 16.36
C ASN D 111 -7.22 18.50 15.39
N SER D 112 -6.05 18.85 15.92
CA SER D 112 -4.88 19.06 15.07
C SER D 112 -4.69 17.84 14.19
N ALA D 113 -4.83 16.66 14.78
CA ALA D 113 -4.70 15.40 14.06
C ALA D 113 -5.85 15.27 13.07
N HIS D 114 -7.03 15.67 13.53
CA HIS D 114 -8.23 15.61 12.71
C HIS D 114 -8.14 16.55 11.52
N SER D 115 -7.72 17.79 11.77
CA SER D 115 -7.57 18.75 10.69
C SER D 115 -6.41 18.35 9.79
N ALA D 116 -5.60 17.40 10.27
CA ALA D 116 -4.46 16.92 9.51
C ALA D 116 -4.85 15.67 8.72
N GLY D 117 -6.03 15.14 8.99
CA GLY D 117 -6.50 13.96 8.29
C GLY D 117 -6.06 12.65 8.91
N VAL D 118 -5.40 12.71 10.06
CA VAL D 118 -4.94 11.49 10.73
C VAL D 118 -5.55 11.30 12.12
N GLY D 119 -6.78 11.77 12.29
CA GLY D 119 -7.44 11.62 13.58
C GLY D 119 -7.61 10.17 13.97
N ALA D 120 -7.87 9.30 12.99
CA ALA D 120 -8.08 7.88 13.25
C ALA D 120 -6.84 7.17 13.79
N ILE D 121 -5.65 7.49 13.28
CA ILE D 121 -4.48 6.81 13.82
C ILE D 121 -4.12 7.45 15.16
N PHE D 122 -4.53 8.71 15.36
CA PHE D 122 -4.26 9.39 16.63
C PHE D 122 -5.05 8.68 17.72
N ASP D 123 -6.28 8.29 17.38
CA ASP D 123 -7.16 7.58 18.30
C ASP D 123 -6.51 6.26 18.67
N ARG D 124 -5.88 5.61 17.69
CA ARG D 124 -5.24 4.32 17.92
C ARG D 124 -4.04 4.45 18.86
N VAL D 125 -3.25 5.50 18.69
CA VAL D 125 -2.10 5.73 19.56
C VAL D 125 -2.53 5.93 21.00
N LEU D 126 -3.57 6.74 21.22
CA LEU D 126 -4.01 6.98 22.59
C LEU D 126 -4.69 5.77 23.22
N THR D 127 -5.55 5.13 22.43
CA THR D 127 -6.32 3.97 22.88
C THR D 127 -5.51 2.66 23.06
N GLU D 128 -4.61 2.38 22.12
CA GLU D 128 -3.84 1.15 22.18
C GLU D 128 -2.48 1.28 22.88
N LEU D 129 -1.92 2.48 22.91
CA LEU D 129 -0.64 2.68 23.56
C LEU D 129 -0.63 3.54 24.81
N VAL D 130 -0.83 4.85 24.65
CA VAL D 130 -0.78 5.75 25.78
C VAL D 130 -1.67 5.38 26.96
N SER D 131 -2.97 5.23 26.71
CA SER D 131 -3.89 4.90 27.77
C SER D 131 -3.53 3.57 28.44
N LYS D 132 -3.19 2.57 27.64
CA LYS D 132 -2.81 1.26 28.16
C LYS D 132 -1.57 1.37 29.04
N MET D 133 -0.58 2.15 28.59
CA MET D 133 0.63 2.33 29.36
C MET D 133 0.32 3.02 30.69
N ARG D 134 -0.58 4.01 30.64
CA ARG D 134 -0.96 4.75 31.85
C ARG D 134 -1.72 3.88 32.85
N ASP D 135 -2.74 3.18 32.36
CA ASP D 135 -3.58 2.36 33.24
C ASP D 135 -2.88 1.19 33.96
N MET D 136 -1.87 0.59 33.35
CA MET D 136 -1.17 -0.51 34.02
C MET D 136 0.13 0.06 34.57
N GLN D 137 0.27 1.37 34.43
CA GLN D 137 1.46 2.11 34.86
C GLN D 137 2.79 1.50 34.45
N MET D 138 2.98 1.29 33.16
CA MET D 138 4.24 0.75 32.64
C MET D 138 5.35 1.66 33.11
N ASP D 139 6.34 1.11 33.80
CA ASP D 139 7.43 1.94 34.29
C ASP D 139 8.51 2.05 33.22
N LYS D 140 9.53 2.85 33.49
CA LYS D 140 10.58 3.04 32.52
C LYS D 140 11.48 1.83 32.30
N THR D 141 11.54 0.94 33.28
CA THR D 141 12.36 -0.27 33.13
C THR D 141 11.65 -1.24 32.18
N GLU D 142 10.33 -1.40 32.33
CA GLU D 142 9.60 -2.30 31.45
C GLU D 142 9.58 -1.73 30.03
N LEU D 143 9.51 -0.41 29.92
CA LEU D 143 9.53 0.25 28.61
C LEU D 143 10.87 -0.03 27.95
N GLY D 144 11.95 0.14 28.71
CA GLY D 144 13.28 -0.11 28.18
C GLY D 144 13.41 -1.53 27.65
N CYS D 145 12.87 -2.50 28.38
CA CYS D 145 12.93 -3.89 27.98
C CYS D 145 12.13 -4.18 26.71
N LEU D 146 10.96 -3.56 26.58
CA LEU D 146 10.13 -3.76 25.40
C LEU D 146 10.84 -3.17 24.19
N ARG D 147 11.49 -2.02 24.38
CA ARG D 147 12.20 -1.42 23.26
C ARG D 147 13.38 -2.29 22.83
N ALA D 148 14.03 -2.92 23.80
CA ALA D 148 15.16 -3.80 23.51
C ALA D 148 14.67 -5.06 22.78
N ILE D 149 13.48 -5.54 23.15
CA ILE D 149 12.90 -6.70 22.50
C ILE D 149 12.62 -6.30 21.04
N VAL D 150 12.10 -5.09 20.87
CA VAL D 150 11.80 -4.56 19.54
C VAL D 150 13.11 -4.47 18.72
N LEU D 151 14.15 -3.91 19.32
CA LEU D 151 15.44 -3.77 18.66
C LEU D 151 15.99 -5.14 18.22
N PHE D 152 15.93 -6.11 19.13
CA PHE D 152 16.40 -7.46 18.82
C PHE D 152 15.30 -8.22 18.06
N ASN D 153 15.04 -7.78 16.84
CA ASN D 153 14.01 -8.36 16.00
C ASN D 153 14.60 -9.42 15.08
N PRO D 154 14.50 -10.70 15.48
CA PRO D 154 15.03 -11.81 14.69
C PRO D 154 14.46 -11.96 13.27
N ASP D 155 13.30 -11.35 13.00
CA ASP D 155 12.67 -11.42 11.68
C ASP D 155 13.26 -10.42 10.70
N SER D 156 14.10 -9.52 11.19
CA SER D 156 14.72 -8.52 10.33
C SER D 156 15.38 -9.19 9.13
N LYS D 157 15.09 -8.68 7.93
CA LYS D 157 15.64 -9.26 6.71
C LYS D 157 17.12 -8.92 6.51
N GLY D 158 17.89 -9.94 6.14
CA GLY D 158 19.31 -9.73 5.89
C GLY D 158 20.24 -10.14 7.00
N LEU D 159 19.72 -10.30 8.21
CA LEU D 159 20.55 -10.68 9.35
C LEU D 159 21.49 -11.84 9.05
N SER D 160 22.77 -11.64 9.29
CA SER D 160 23.72 -12.71 9.04
C SER D 160 23.36 -13.91 9.93
N ASN D 161 23.00 -13.65 11.18
CA ASN D 161 22.64 -14.73 12.11
C ASN D 161 21.40 -14.35 12.92
N PRO D 162 20.21 -14.72 12.43
CA PRO D 162 18.98 -14.39 13.16
C PRO D 162 18.84 -15.10 14.50
N ALA D 163 19.42 -16.30 14.59
CA ALA D 163 19.34 -17.08 15.81
C ALA D 163 20.02 -16.36 16.98
N GLU D 164 21.08 -15.64 16.66
CA GLU D 164 21.83 -14.89 17.68
C GLU D 164 20.95 -13.74 18.20
N VAL D 165 20.29 -13.05 17.28
CA VAL D 165 19.41 -11.95 17.63
C VAL D 165 18.27 -12.47 18.49
N GLU D 166 17.75 -13.64 18.14
CA GLU D 166 16.65 -14.25 18.89
C GLU D 166 17.08 -14.58 20.32
N ALA D 167 18.32 -15.05 20.48
CA ALA D 167 18.84 -15.41 21.81
C ALA D 167 19.01 -14.18 22.70
N LEU D 168 19.43 -13.06 22.11
CA LEU D 168 19.61 -11.83 22.88
C LEU D 168 18.22 -11.34 23.28
N ARG D 169 17.25 -11.60 22.42
CA ARG D 169 15.88 -11.21 22.69
C ARG D 169 15.36 -12.04 23.86
N GLU D 170 15.69 -13.33 23.85
CA GLU D 170 15.25 -14.23 24.91
C GLU D 170 15.77 -13.77 26.27
N LYS D 171 17.05 -13.43 26.33
CA LYS D 171 17.64 -12.98 27.57
C LYS D 171 16.99 -11.69 28.02
N VAL D 172 16.63 -10.84 27.08
CA VAL D 172 15.98 -9.59 27.47
C VAL D 172 14.63 -9.85 28.10
N TYR D 173 13.76 -10.62 27.45
CA TYR D 173 12.46 -10.82 28.06
C TYR D 173 12.48 -11.76 29.24
N ALA D 174 13.57 -12.53 29.40
CA ALA D 174 13.68 -13.41 30.56
C ALA D 174 13.89 -12.48 31.75
N SER D 175 14.64 -11.41 31.53
CA SER D 175 14.91 -10.43 32.58
C SER D 175 13.67 -9.64 32.89
N LEU D 176 12.93 -9.26 31.84
CA LEU D 176 11.69 -8.50 32.05
C LEU D 176 10.71 -9.32 32.90
N GLU D 177 10.62 -10.62 32.63
CA GLU D 177 9.73 -11.48 33.40
C GLU D 177 10.11 -11.50 34.88
N ALA D 178 11.39 -11.68 35.16
CA ALA D 178 11.86 -11.72 36.55
C ALA D 178 11.57 -10.37 37.21
N TYR D 179 11.86 -9.30 36.48
CA TYR D 179 11.64 -7.96 36.99
C TYR D 179 10.18 -7.78 37.41
N CYS D 180 9.26 -8.17 36.53
CA CYS D 180 7.83 -8.05 36.80
C CYS D 180 7.43 -8.93 37.98
N LYS D 181 7.98 -10.14 38.01
CA LYS D 181 7.70 -11.10 39.06
C LYS D 181 8.12 -10.55 40.43
N HIS D 182 9.11 -9.67 40.44
CA HIS D 182 9.59 -9.08 41.70
C HIS D 182 8.87 -7.80 42.08
N LYS D 183 8.63 -6.92 41.11
CA LYS D 183 7.99 -5.65 41.37
C LYS D 183 6.48 -5.69 41.50
N TYR D 184 5.85 -6.69 40.89
CA TYR D 184 4.39 -6.80 40.97
C TYR D 184 3.95 -8.25 41.15
N PRO D 185 4.30 -8.89 42.29
CA PRO D 185 3.91 -10.29 42.51
C PRO D 185 2.40 -10.48 42.43
N GLU D 186 1.67 -9.42 42.76
CA GLU D 186 0.21 -9.44 42.73
C GLU D 186 -0.37 -9.55 41.32
N GLN D 187 0.44 -9.27 40.30
CA GLN D 187 0.00 -9.29 38.90
C GLN D 187 0.78 -10.32 38.10
N PRO D 188 0.43 -11.61 38.26
CA PRO D 188 1.13 -12.67 37.52
C PRO D 188 1.01 -12.61 35.99
N GLY D 189 0.04 -11.85 35.48
CA GLY D 189 -0.10 -11.75 34.04
C GLY D 189 0.45 -10.46 33.48
N ARG D 190 1.25 -9.74 34.28
CA ARG D 190 1.80 -8.48 33.82
C ARG D 190 2.79 -8.67 32.68
N PHE D 191 3.63 -9.69 32.80
CA PHE D 191 4.62 -9.98 31.79
C PHE D 191 3.96 -10.14 30.42
N ALA D 192 3.00 -11.04 30.32
CA ALA D 192 2.29 -11.28 29.07
C ALA D 192 1.63 -9.99 28.57
N LYS D 193 0.97 -9.27 29.48
CA LYS D 193 0.29 -8.02 29.11
C LYS D 193 1.28 -7.07 28.43
N LEU D 194 2.48 -6.98 28.99
CA LEU D 194 3.52 -6.13 28.40
C LEU D 194 3.81 -6.56 26.97
N LEU D 195 4.07 -7.84 26.79
CA LEU D 195 4.38 -8.40 25.48
C LEU D 195 3.22 -8.25 24.50
N LEU D 196 2.00 -8.29 25.03
CA LEU D 196 0.84 -8.16 24.19
C LEU D 196 0.53 -6.73 23.74
N ARG D 197 1.49 -5.83 23.93
CA ARG D 197 1.32 -4.45 23.44
C ARG D 197 2.14 -4.36 22.16
N LEU D 198 3.01 -5.34 21.92
CA LEU D 198 3.84 -5.31 20.74
C LEU D 198 3.08 -5.41 19.40
N PRO D 199 1.96 -6.17 19.35
CA PRO D 199 1.27 -6.23 18.06
C PRO D 199 0.70 -4.87 17.68
N ALA D 200 0.16 -4.19 18.67
CA ALA D 200 -0.42 -2.86 18.47
C ALA D 200 0.70 -1.93 18.01
N LEU D 201 1.85 -2.04 18.67
CA LEU D 201 3.00 -1.21 18.30
C LEU D 201 3.36 -1.46 16.83
N ARG D 202 3.29 -2.73 16.43
CA ARG D 202 3.63 -3.12 15.07
C ARG D 202 2.71 -2.49 14.01
N SER D 203 1.40 -2.65 14.18
CA SER D 203 0.48 -2.09 13.20
C SER D 203 0.39 -0.57 13.29
N ILE D 204 0.56 -0.01 14.48
CA ILE D 204 0.53 1.45 14.60
C ILE D 204 1.77 1.98 13.91
N GLY D 205 2.90 1.29 14.10
CA GLY D 205 4.14 1.70 13.46
C GLY D 205 4.00 1.68 11.95
N LEU D 206 3.29 0.66 11.44
CA LEU D 206 3.09 0.56 10.00
C LEU D 206 2.19 1.66 9.47
N LYS D 207 1.14 1.99 10.21
CA LYS D 207 0.21 3.04 9.76
C LYS D 207 0.85 4.42 9.77
N CYS D 208 1.64 4.69 10.81
CA CYS D 208 2.31 5.98 10.92
C CYS D 208 3.27 6.13 9.74
N LEU D 209 3.85 5.01 9.33
CA LEU D 209 4.80 4.97 8.23
C LEU D 209 4.09 5.23 6.89
N GLU D 210 3.08 4.41 6.62
CA GLU D 210 2.31 4.52 5.39
C GLU D 210 1.53 5.82 5.26
N HIS D 211 1.19 6.42 6.39
CA HIS D 211 0.44 7.68 6.37
C HIS D 211 1.30 8.88 6.73
N LEU D 212 2.57 8.63 7.02
CA LEU D 212 3.49 9.70 7.37
C LEU D 212 2.82 10.55 8.44
N PHE D 213 2.30 9.86 9.46
CA PHE D 213 1.59 10.47 10.57
C PHE D 213 2.15 11.81 11.00
N PHE D 214 3.34 11.78 11.58
CA PHE D 214 3.98 13.00 12.08
C PHE D 214 4.08 14.15 11.07
N PHE D 215 4.36 13.83 9.81
CA PHE D 215 4.47 14.88 8.81
C PHE D 215 3.13 15.60 8.65
N LYS D 216 2.09 14.84 8.35
CA LYS D 216 0.76 15.41 8.16
C LYS D 216 0.31 16.21 9.37
N LEU D 217 0.83 15.86 10.55
CA LEU D 217 0.46 16.59 11.75
C LEU D 217 0.94 18.04 11.61
N ILE D 218 2.19 18.17 11.16
CA ILE D 218 2.79 19.48 10.98
C ILE D 218 1.96 20.36 10.05
N GLY D 219 1.28 19.72 9.10
CA GLY D 219 0.45 20.46 8.16
C GLY D 219 1.08 20.59 6.79
N ASP D 220 0.35 21.22 5.87
CA ASP D 220 0.85 21.41 4.52
C ASP D 220 1.10 22.89 4.21
N THR D 221 0.83 23.76 5.18
CA THR D 221 1.06 25.18 4.98
C THR D 221 2.56 25.48 4.85
N PRO D 222 3.40 24.74 5.60
CA PRO D 222 4.83 25.04 5.46
C PRO D 222 5.30 24.57 4.09
N ILE D 223 4.60 23.58 3.55
CA ILE D 223 4.93 23.06 2.23
C ILE D 223 4.62 24.14 1.22
N ASP D 224 3.42 24.69 1.32
CA ASP D 224 3.00 25.75 0.42
C ASP D 224 3.90 26.97 0.56
N THR D 225 4.32 27.24 1.80
CA THR D 225 5.19 28.37 2.10
C THR D 225 6.57 28.29 1.47
N PHE D 226 7.23 27.14 1.61
CA PHE D 226 8.56 26.98 1.03
C PHE D 226 8.47 26.90 -0.49
N LEU D 227 7.41 26.29 -1.01
CA LEU D 227 7.26 26.22 -2.46
C LEU D 227 7.08 27.65 -2.96
N MET D 228 6.25 28.42 -2.27
CA MET D 228 5.99 29.80 -2.64
C MET D 228 7.28 30.59 -2.68
N GLU D 229 8.15 30.31 -1.71
CA GLU D 229 9.44 30.97 -1.59
C GLU D 229 10.30 30.63 -2.79
N MET D 230 10.19 29.39 -3.28
CA MET D 230 10.95 28.97 -4.46
C MET D 230 10.40 29.68 -5.70
N LEU D 231 9.08 29.80 -5.77
CA LEU D 231 8.43 30.45 -6.91
C LEU D 231 8.69 31.94 -6.98
N GLU D 232 8.93 32.55 -5.83
CA GLU D 232 9.19 33.97 -5.82
C GLU D 232 10.68 34.18 -5.91
N ALA D 233 11.38 33.10 -6.25
CA ALA D 233 12.81 33.15 -6.42
C ALA D 233 12.99 34.01 -7.62
N PRO D 234 14.08 34.75 -7.63
CA PRO D 234 14.19 35.56 -8.81
C PRO D 234 14.00 34.64 -9.99
N HIS D 235 12.95 34.86 -10.80
CA HIS D 235 12.77 34.09 -12.05
C HIS D 235 14.29 34.32 -12.21
C1 REA E . 12.64 13.79 -0.32
C2 REA E . 11.84 13.84 1.01
C3 REA E . 11.08 15.15 1.27
C4 REA E . 10.16 15.24 0.10
C5 REA E . 10.81 15.31 -1.30
C6 REA E . 12.00 14.64 -1.57
C7 REA E . 12.47 14.79 -2.89
C8 REA E . 13.53 14.27 -3.56
C9 REA E . 13.99 14.46 -4.84
C10 REA E . 15.16 13.86 -5.04
C11 REA E . 15.97 13.39 -6.01
C12 REA E . 15.83 13.02 -7.30
C13 REA E . 16.76 12.59 -8.14
C14 REA E . 16.61 13.06 -9.44
C15 REA E . 17.52 12.98 -10.69
C16 REA E . 12.65 12.27 -0.50
C17 REA E . 14.08 14.08 0.22
C18 REA E . 10.09 16.12 -2.43
C19 REA E . 13.20 15.25 -5.83
C20 REA E . 17.90 11.64 -7.72
O1 REA E . 18.70 12.80 -10.43
O2 REA E . 17.04 13.05 -11.81
C1 REA F . -12.39 -12.88 0.36
C2 REA F . -13.15 -11.59 -0.08
C3 REA F . -14.52 -11.34 0.56
C4 REA F . -14.22 -11.26 2.03
C5 REA F . -13.53 -12.52 2.66
C6 REA F . -12.65 -13.34 1.92
C7 REA F . -12.10 -14.44 2.59
C8 REA F . -11.24 -15.42 2.22
C9 REA F . -10.71 -16.45 2.94
C10 REA F . -9.85 -17.24 2.24
C11 REA F . -9.03 -18.30 2.42
C12 REA F . -8.72 -19.04 3.51
C13 REA F . -7.87 -20.06 3.67
C14 REA F . -7.81 -20.55 4.97
C15 REA F . -7.09 -21.72 5.60
C16 REA F . -10.97 -12.43 0.03
C17 REA F . -12.75 -13.86 -0.82
C18 REA F . -14.03 -12.61 4.15
C19 REA F . -11.07 -16.62 4.37
C20 REA F . -6.99 -20.60 2.54
O1 REA F . -6.90 -22.70 4.81
O2 REA F . -6.85 -21.82 6.79
#